data_8CLA
#
_entry.id   8CLA
#
_cell.length_a   73.230
_cell.length_b   90.940
_cell.length_c   82.430
_cell.angle_alpha   90.00
_cell.angle_beta   96.74
_cell.angle_gamma   90.00
#
_symmetry.space_group_name_H-M   'P 1 21 1'
#
loop_
_entity.id
_entity.type
_entity.pdbx_description
1 polymer 'Tubulin alpha-1B chain'
2 polymer 'Tubulin beta-2B chain'
3 polymer 'Designed Ankyrin Repeat Protein (DARPIN) D1'
4 non-polymer "GUANOSINE-5'-TRIPHOSPHATE"
5 non-polymer 'MAGNESIUM ION'
6 non-polymer 'CALCIUM ION'
7 non-polymer "GUANOSINE-5'-DIPHOSPHATE"
8 non-polymer 2-methoxy-5-[2-(5,6,7-trimethoxy-1,3-benzothiazol-2-yl)ethyl]phenol
9 water water
#
loop_
_entity_poly.entity_id
_entity_poly.type
_entity_poly.pdbx_seq_one_letter_code
_entity_poly.pdbx_strand_id
1 'polypeptide(L)'
;RECISIHVGQAGVQIGNACWELYCLEHGIQPDGQMPSDKTIGGGDDSFNTFFSETGAGKHVPRAVFVDLEPTVIDEVRTG
TYRQLFHPEQLITGKEDAANNYARGHYTIGKEIIDLVLDRIRKLADQCTGLQGFLVFHSFGGGTGSGFTSLLMERLSVDY
GKKSKLEFSIYPAPQVSTAVVEPYNSILTTHTTLEHSDCAFMVDNEAIYDICRRNLDIERPTYTNLNRLISQIVSSITAS
LRFDGALNVDLTEFQTNLVPYPRIHFPLATYAPVISAEKAYHEQLSVAEITNACFEPANQMVKCDPRHGKYMACCLLYRG
DVVPKDVNAAIATIKTKRSIQFVDWCPTGFKVGINYQPPTVVPGGDLAKVQRAVCMLSNTTAIAEAWARLDHKFDLMYAK
RAFVHWYVGEGMEEGEFSEAREDMAALEKDYEEVG
;
A
2 'polypeptide(L)'
;MREIVHIQAGQCGNQIGAKFWEVISDEHGIDPTGSYHGDSDLQLERINVYYNEATGNKYVPRAILVDLEPGTMDSVRSGP
FGQIFRPDNFVFGQSGAGNNWAKGHYTEGAELVDSVLDVVRKESESCDCLQGFQLTHSLGGGTGSGMGTLLISKIREEYP
DRIMNTFSVMPSPKVSDTVVEPYNATLSVHQLVENTDETYCIDNEALYDICFRTLKLTTPTYGDLNHLVSATMSGVTTCL
RFPGQLNADLRKLAVNMVPFPRLHFFMPGFAPLTSRGSQQYRALTVPELTQQMFDSKNMMAACDPRHGRYLTVAAIFRGR
MSMKEVDEQMLNVQNKNSSYFVEWIPNNVKTAVCDIPPGLKMSATFIGNSTAIQELFKRISEQFTAMFRRKAFLHWYTGE
GMDEMEFTEAESNMNDLVSEYQQYQDATAD
;
B
3 'polypeptide(L)'
;DLGKKLLEAARAGQDDEVRILMANGADVNATDASGLTPLHLAATYGHLEIVEVLLKHGADVNAIDIMGSTPLHLAALIGH
LEIVEVLLKHGADVNAVDTWGDTPLHLAAIMGHLEIVEVLLKHGADVNAQDKFGKTAFDISIDNGNEDLAEILQK
;
F
#
# COMPACT_ATOMS: atom_id res chain seq x y z
N ARG A 1 -40.31 -8.45 -21.55
CA ARG A 1 -39.46 -9.33 -20.70
C ARG A 1 -38.49 -8.46 -19.89
N GLU A 2 -38.38 -8.68 -18.60
CA GLU A 2 -37.62 -7.78 -17.70
C GLU A 2 -36.12 -8.03 -17.75
N CYS A 3 -35.33 -7.00 -17.52
CA CYS A 3 -33.88 -7.11 -17.38
C CYS A 3 -33.53 -6.54 -16.01
N ILE A 4 -32.82 -7.30 -15.20
CA ILE A 4 -32.35 -6.82 -13.91
C ILE A 4 -30.89 -6.41 -14.06
N SER A 5 -30.58 -5.20 -13.65
CA SER A 5 -29.21 -4.69 -13.67
C SER A 5 -28.64 -4.86 -12.27
N ILE A 6 -27.46 -5.43 -12.20
CA ILE A 6 -26.78 -5.55 -10.96
C ILE A 6 -25.48 -4.74 -11.09
N HIS A 7 -25.19 -3.95 -10.08
CA HIS A 7 -24.09 -3.02 -10.13
C HIS A 7 -23.22 -3.38 -8.94
N VAL A 8 -22.04 -3.89 -9.21
CA VAL A 8 -21.17 -4.44 -8.17
C VAL A 8 -19.92 -3.58 -7.97
N GLY A 9 -19.68 -3.18 -6.74
CA GLY A 9 -18.48 -2.47 -6.36
C GLY A 9 -18.52 -1.04 -6.87
N GLN A 10 -17.47 -0.31 -6.55
CA GLN A 10 -17.51 1.12 -6.79
C GLN A 10 -17.75 1.41 -8.26
N ALA A 11 -16.93 0.82 -9.14
CA ALA A 11 -17.07 1.14 -10.56
C ALA A 11 -18.47 0.77 -11.04
N GLY A 12 -18.95 -0.40 -10.64
CA GLY A 12 -20.25 -0.82 -11.12
C GLY A 12 -21.34 0.08 -10.58
N VAL A 13 -21.21 0.52 -9.31
CA VAL A 13 -22.22 1.39 -8.71
C VAL A 13 -22.17 2.78 -9.35
N GLN A 14 -21.00 3.38 -9.45
CA GLN A 14 -20.86 4.76 -10.01
C GLN A 14 -21.32 4.73 -11.47
N ILE A 15 -20.96 3.71 -12.23
CA ILE A 15 -21.45 3.68 -13.61
C ILE A 15 -22.94 3.42 -13.63
N GLY A 16 -23.41 2.56 -12.74
CA GLY A 16 -24.83 2.35 -12.66
C GLY A 16 -25.57 3.61 -12.32
N ASN A 17 -25.07 4.41 -11.40
CA ASN A 17 -25.71 5.68 -11.03
C ASN A 17 -25.80 6.55 -12.28
N ALA A 18 -24.73 6.60 -13.05
CA ALA A 18 -24.75 7.41 -14.26
C ALA A 18 -25.72 6.83 -15.28
N CYS A 19 -25.74 5.50 -15.46
CA CYS A 19 -26.67 4.93 -16.45
C CYS A 19 -28.12 5.23 -16.10
N TRP A 20 -28.51 4.96 -14.86
CA TRP A 20 -29.92 5.08 -14.52
C TRP A 20 -30.37 6.54 -14.62
N GLU A 21 -29.46 7.47 -14.32
CA GLU A 21 -29.78 8.90 -14.51
C GLU A 21 -30.10 9.11 -15.98
N LEU A 22 -29.19 8.67 -16.84
CA LEU A 22 -29.47 8.80 -18.27
C LEU A 22 -30.76 8.08 -18.66
N TYR A 23 -30.95 6.84 -18.21
CA TYR A 23 -32.20 6.17 -18.57
C TYR A 23 -33.38 7.01 -18.17
N CYS A 24 -33.33 7.59 -16.97
CA CYS A 24 -34.51 8.35 -16.55
C CYS A 24 -34.75 9.47 -17.51
N LEU A 25 -33.68 10.18 -17.89
CA LEU A 25 -33.84 11.32 -18.79
C LEU A 25 -34.33 10.86 -20.15
N GLU A 26 -33.86 9.70 -20.61
CA GLU A 26 -34.29 9.21 -21.92
C GLU A 26 -35.75 8.82 -21.91
N HIS A 27 -36.21 8.26 -20.80
CA HIS A 27 -37.57 7.79 -20.73
C HIS A 27 -38.52 8.85 -20.17
N GLY A 28 -38.00 9.97 -19.72
CA GLY A 28 -38.88 10.95 -19.11
C GLY A 28 -39.34 10.55 -17.73
N ILE A 29 -38.50 9.87 -16.98
CA ILE A 29 -38.81 9.50 -15.62
C ILE A 29 -38.12 10.50 -14.71
N GLN A 30 -38.87 11.04 -13.77
CA GLN A 30 -38.34 12.08 -12.88
C GLN A 30 -37.55 11.39 -11.77
N PRO A 31 -36.73 12.10 -11.00
CA PRO A 31 -35.90 11.48 -9.97
C PRO A 31 -36.70 10.79 -8.87
N ASP A 32 -37.98 11.12 -8.71
CA ASP A 32 -38.83 10.45 -7.73
C ASP A 32 -39.57 9.27 -8.33
N GLY A 33 -39.28 8.92 -9.58
CA GLY A 33 -39.90 7.78 -10.21
C GLY A 33 -41.15 8.08 -11.01
N GLN A 34 -41.66 9.31 -10.96
CA GLN A 34 -42.87 9.67 -11.73
C GLN A 34 -42.55 9.84 -13.21
N MET A 35 -43.46 9.36 -14.06
CA MET A 35 -43.34 9.34 -15.51
C MET A 35 -44.65 9.82 -16.11
N PRO A 36 -44.78 11.11 -16.39
CA PRO A 36 -46.09 11.62 -16.88
C PRO A 36 -46.57 11.03 -18.20
N SER A 37 -45.65 10.72 -19.14
CA SER A 37 -46.07 10.13 -20.42
C SER A 37 -46.51 8.67 -20.28
N ASP A 38 -46.32 8.10 -19.11
CA ASP A 38 -46.79 6.73 -18.86
C ASP A 38 -48.28 6.81 -18.57
N LYS A 39 -49.11 6.34 -19.49
CA LYS A 39 -50.59 6.40 -19.38
C LYS A 39 -51.11 5.29 -18.48
N THR A 40 -50.46 4.14 -18.47
CA THR A 40 -50.85 2.98 -17.63
C THR A 40 -50.32 3.24 -16.22
N ILE A 41 -51.17 3.29 -15.20
CA ILE A 41 -50.68 3.62 -13.83
C ILE A 41 -50.35 2.32 -13.10
N GLY A 42 -51.20 1.30 -13.18
CA GLY A 42 -50.91 0.10 -12.41
C GLY A 42 -49.51 -0.43 -12.69
N GLY A 43 -49.28 -0.75 -13.95
CA GLY A 43 -48.00 -1.25 -14.44
C GLY A 43 -48.09 -1.07 -15.93
N GLY A 44 -47.79 -2.07 -16.73
CA GLY A 44 -47.92 -2.00 -18.16
C GLY A 44 -46.89 -2.87 -18.84
N ASP A 45 -47.02 -2.95 -20.16
CA ASP A 45 -46.21 -3.83 -20.98
C ASP A 45 -45.25 -3.06 -21.90
N ASP A 46 -45.04 -1.77 -21.66
CA ASP A 46 -44.21 -1.00 -22.57
C ASP A 46 -42.75 -1.40 -22.49
N SER A 47 -42.02 -0.98 -23.55
CA SER A 47 -40.62 -1.36 -23.70
C SER A 47 -39.77 -0.90 -22.52
N PHE A 48 -39.97 0.35 -22.05
CA PHE A 48 -39.21 0.82 -20.89
C PHE A 48 -39.50 0.01 -19.64
N ASN A 49 -40.55 -0.81 -19.64
CA ASN A 49 -40.88 -1.64 -18.46
C ASN A 49 -39.87 -2.79 -18.36
N THR A 50 -39.06 -3.07 -19.37
CA THR A 50 -38.03 -4.08 -19.19
C THR A 50 -37.05 -3.65 -18.10
N PHE A 51 -36.85 -2.35 -17.94
CA PHE A 51 -35.92 -1.79 -16.98
C PHE A 51 -36.59 -1.20 -15.76
N PHE A 52 -37.88 -0.90 -15.81
CA PHE A 52 -38.50 -0.19 -14.71
C PHE A 52 -39.77 -0.92 -14.37
N SER A 53 -39.94 -1.26 -13.10
CA SER A 53 -41.24 -1.68 -12.64
C SER A 53 -42.07 -0.45 -12.27
N GLU A 54 -43.32 -0.70 -12.02
CA GLU A 54 -44.18 0.42 -11.63
C GLU A 54 -44.95 0.03 -10.39
N THR A 55 -44.96 0.94 -9.44
CA THR A 55 -45.78 0.76 -8.26
C THR A 55 -47.17 1.35 -8.47
N GLY A 56 -48.04 1.07 -7.51
CA GLY A 56 -49.41 1.54 -7.63
C GLY A 56 -49.49 3.04 -7.61
N ALA A 57 -48.55 3.69 -6.94
CA ALA A 57 -48.46 5.14 -6.88
C ALA A 57 -47.90 5.76 -8.16
N GLY A 58 -47.68 5.00 -9.22
CA GLY A 58 -47.12 5.56 -10.44
C GLY A 58 -45.61 5.72 -10.44
N LYS A 59 -44.93 5.16 -9.45
CA LYS A 59 -43.48 5.27 -9.34
C LYS A 59 -42.86 4.21 -10.24
N HIS A 60 -41.91 4.64 -11.04
CA HIS A 60 -41.22 3.77 -11.98
C HIS A 60 -39.87 3.45 -11.37
N VAL A 61 -39.66 2.18 -11.02
CA VAL A 61 -38.53 1.82 -10.17
C VAL A 61 -37.55 1.04 -11.00
N PRO A 62 -36.28 1.41 -11.01
CA PRO A 62 -35.30 0.60 -11.71
C PRO A 62 -35.32 -0.85 -11.23
N ARG A 63 -35.23 -1.78 -12.17
CA ARG A 63 -35.01 -3.19 -11.86
C ARG A 63 -33.51 -3.36 -11.68
N ALA A 64 -33.03 -2.92 -10.52
CA ALA A 64 -31.60 -2.74 -10.33
C ALA A 64 -31.27 -3.06 -8.89
N VAL A 65 -30.14 -3.68 -8.72
CA VAL A 65 -29.54 -3.94 -7.45
C VAL A 65 -28.14 -3.32 -7.47
N PHE A 66 -27.81 -2.57 -6.44
CA PHE A 66 -26.47 -2.06 -6.21
C PHE A 66 -25.88 -2.79 -5.03
N VAL A 67 -24.71 -3.39 -5.21
CA VAL A 67 -24.06 -4.09 -4.13
CA VAL A 67 -24.06 -4.09 -4.13
C VAL A 67 -22.64 -3.56 -4.02
N ASP A 68 -22.22 -3.27 -2.82
CA ASP A 68 -20.79 -3.03 -2.59
C ASP A 68 -20.47 -3.62 -1.22
N LEU A 69 -19.23 -4.01 -1.05
CA LEU A 69 -18.83 -4.53 0.23
C LEU A 69 -18.52 -3.46 1.26
N GLU A 70 -18.37 -2.22 0.86
CA GLU A 70 -18.20 -1.09 1.81
C GLU A 70 -19.33 -0.14 1.44
N PRO A 71 -19.79 0.74 2.33
CA PRO A 71 -20.95 1.52 1.95
C PRO A 71 -20.75 2.91 1.38
N THR A 72 -19.52 3.41 1.31
CA THR A 72 -19.29 4.82 0.93
C THR A 72 -19.88 5.19 -0.43
N VAL A 73 -19.71 4.32 -1.42
CA VAL A 73 -20.14 4.71 -2.76
C VAL A 73 -21.64 4.61 -2.87
N ILE A 74 -22.20 3.57 -2.27
CA ILE A 74 -23.62 3.40 -2.36
C ILE A 74 -24.33 4.42 -1.47
N ASP A 75 -23.74 4.81 -0.34
CA ASP A 75 -24.30 5.90 0.45
C ASP A 75 -24.51 7.17 -0.35
N GLU A 76 -23.70 7.40 -1.37
CA GLU A 76 -23.89 8.53 -2.27
C GLU A 76 -25.16 8.36 -3.10
N VAL A 77 -25.45 7.15 -3.55
CA VAL A 77 -26.72 6.91 -4.24
C VAL A 77 -27.86 7.16 -3.27
N ARG A 78 -27.68 6.75 -2.02
CA ARG A 78 -28.72 6.86 -0.98
C ARG A 78 -29.06 8.31 -0.65
N THR A 79 -28.11 9.21 -0.85
CA THR A 79 -28.23 10.63 -0.48
C THR A 79 -28.23 11.55 -1.70
N GLY A 80 -28.14 11.01 -2.92
CA GLY A 80 -27.99 11.82 -4.14
C GLY A 80 -29.30 12.35 -4.70
N THR A 81 -29.34 12.70 -5.98
CA THR A 81 -30.53 13.26 -6.65
C THR A 81 -31.54 12.14 -6.89
N TYR A 82 -31.10 10.89 -6.96
CA TYR A 82 -31.97 9.75 -7.31
C TYR A 82 -32.15 8.85 -6.09
N ARG A 83 -31.97 9.40 -4.91
CA ARG A 83 -32.20 8.68 -3.64
C ARG A 83 -33.58 8.00 -3.66
N GLN A 84 -34.63 8.65 -4.17
CA GLN A 84 -36.01 8.11 -4.14
C GLN A 84 -36.28 7.15 -5.29
N LEU A 85 -35.39 7.04 -6.27
CA LEU A 85 -35.66 6.25 -7.45
C LEU A 85 -35.66 4.77 -7.10
N PHE A 86 -34.67 4.37 -6.32
CA PHE A 86 -34.39 2.95 -6.10
C PHE A 86 -35.06 2.29 -4.92
N HIS A 87 -35.33 1.00 -5.06
CA HIS A 87 -35.78 0.19 -3.93
C HIS A 87 -34.68 0.37 -2.88
N PRO A 88 -34.96 0.94 -1.69
CA PRO A 88 -33.94 1.05 -0.64
C PRO A 88 -33.29 -0.29 -0.31
N GLU A 89 -34.05 -1.39 -0.39
CA GLU A 89 -33.51 -2.72 -0.13
C GLU A 89 -32.70 -3.28 -1.28
N GLN A 90 -32.68 -2.59 -2.42
CA GLN A 90 -31.86 -3.02 -3.57
C GLN A 90 -30.51 -2.29 -3.55
N LEU A 91 -30.18 -1.52 -2.53
CA LEU A 91 -28.86 -0.92 -2.31
C LEU A 91 -28.29 -1.65 -1.10
N ILE A 92 -27.36 -2.54 -1.34
CA ILE A 92 -26.86 -3.44 -0.31
C ILE A 92 -25.39 -3.16 -0.10
N THR A 93 -25.01 -2.93 1.17
CA THR A 93 -23.62 -2.66 1.52
C THR A 93 -23.18 -3.53 2.67
N GLY A 94 -21.96 -4.04 2.55
CA GLY A 94 -21.23 -4.57 3.68
C GLY A 94 -20.53 -3.43 4.40
N LYS A 95 -19.57 -3.81 5.22
CA LYS A 95 -18.91 -2.85 6.08
C LYS A 95 -17.46 -2.61 5.68
N GLU A 96 -16.84 -3.63 5.10
CA GLU A 96 -15.42 -3.70 4.85
C GLU A 96 -15.26 -4.31 3.46
N ASP A 97 -14.48 -3.64 2.64
CA ASP A 97 -14.39 -4.00 1.21
C ASP A 97 -13.40 -5.13 0.97
N ALA A 98 -13.18 -5.45 -0.30
CA ALA A 98 -12.35 -6.59 -0.64
C ALA A 98 -10.91 -6.21 -0.74
N ALA A 99 -10.57 -4.94 -0.40
CA ALA A 99 -9.18 -4.53 -0.35
C ALA A 99 -8.46 -4.82 -1.68
N ASN A 100 -9.16 -4.63 -2.81
CA ASN A 100 -8.53 -4.81 -4.11
C ASN A 100 -8.08 -6.21 -4.31
N ASN A 101 -8.71 -7.15 -3.60
CA ASN A 101 -8.22 -8.53 -3.55
C ASN A 101 -9.36 -9.40 -4.04
N TYR A 102 -9.24 -9.92 -5.25
CA TYR A 102 -10.25 -10.83 -5.78
C TYR A 102 -10.67 -11.87 -4.73
N ALA A 103 -9.73 -12.44 -3.99
CA ALA A 103 -10.06 -13.56 -3.13
C ALA A 103 -10.94 -13.13 -1.98
N ARG A 104 -10.74 -11.92 -1.45
CA ARG A 104 -11.64 -11.42 -0.41
C ARG A 104 -13.03 -11.18 -0.95
N GLY A 105 -13.13 -10.60 -2.14
CA GLY A 105 -14.43 -10.41 -2.75
C GLY A 105 -15.12 -11.73 -3.00
N HIS A 106 -14.36 -12.73 -3.40
CA HIS A 106 -14.97 -13.96 -3.83
C HIS A 106 -15.12 -15.01 -2.72
N TYR A 107 -14.19 -15.07 -1.80
CA TYR A 107 -14.15 -16.18 -0.83
C TYR A 107 -14.45 -15.76 0.60
N THR A 108 -13.82 -14.73 1.11
CA THR A 108 -13.91 -14.40 2.54
C THR A 108 -15.03 -13.38 2.74
N ILE A 109 -14.77 -12.13 2.44
CA ILE A 109 -15.74 -11.06 2.69
C ILE A 109 -17.00 -11.27 1.85
N GLY A 110 -16.84 -11.59 0.57
CA GLY A 110 -17.99 -11.69 -0.31
C GLY A 110 -19.01 -12.70 0.16
N LYS A 111 -18.57 -13.80 0.78
CA LYS A 111 -19.52 -14.81 1.29
C LYS A 111 -20.38 -14.28 2.41
N GLU A 112 -19.99 -13.20 3.08
CA GLU A 112 -20.85 -12.73 4.15
C GLU A 112 -22.14 -12.10 3.65
N ILE A 113 -22.24 -11.75 2.37
CA ILE A 113 -23.38 -10.98 1.93
C ILE A 113 -23.99 -11.62 0.67
N ILE A 114 -23.33 -12.61 0.12
CA ILE A 114 -23.83 -13.19 -1.11
C ILE A 114 -25.30 -13.64 -0.98
N ASP A 115 -25.68 -14.26 0.14
CA ASP A 115 -27.06 -14.79 0.18
C ASP A 115 -28.07 -13.66 0.31
N LEU A 116 -27.72 -12.57 1.01
CA LEU A 116 -28.60 -11.42 1.04
C LEU A 116 -28.80 -10.89 -0.37
N VAL A 117 -27.70 -10.75 -1.12
CA VAL A 117 -27.82 -10.22 -2.48
C VAL A 117 -28.72 -11.12 -3.32
N LEU A 118 -28.54 -12.43 -3.20
CA LEU A 118 -29.36 -13.33 -4.01
C LEU A 118 -30.82 -13.25 -3.60
N ASP A 119 -31.08 -13.11 -2.29
CA ASP A 119 -32.47 -13.00 -1.85
C ASP A 119 -33.09 -11.70 -2.33
N ARG A 120 -32.32 -10.60 -2.30
CA ARG A 120 -32.85 -9.35 -2.83
C ARG A 120 -33.05 -9.43 -4.33
N ILE A 121 -32.14 -10.08 -5.04
CA ILE A 121 -32.34 -10.28 -6.47
C ILE A 121 -33.60 -11.09 -6.73
N ARG A 122 -33.79 -12.14 -5.93
CA ARG A 122 -34.96 -13.01 -6.07
C ARG A 122 -36.23 -12.21 -5.89
N LYS A 123 -36.22 -11.24 -4.98
CA LYS A 123 -37.38 -10.39 -4.84
C LYS A 123 -37.65 -9.60 -6.13
N LEU A 124 -36.61 -9.11 -6.81
CA LEU A 124 -36.89 -8.44 -8.08
C LEU A 124 -37.31 -9.43 -9.13
N ALA A 125 -36.66 -10.61 -9.16
CA ALA A 125 -37.02 -11.61 -10.15
C ALA A 125 -38.49 -12.00 -10.02
N ASP A 126 -38.95 -12.15 -8.77
CA ASP A 126 -40.33 -12.59 -8.54
C ASP A 126 -41.34 -11.58 -9.01
N GLN A 127 -40.97 -10.31 -9.13
CA GLN A 127 -41.85 -9.27 -9.69
C GLN A 127 -41.85 -9.38 -11.21
N CYS A 128 -41.06 -10.28 -11.78
CA CYS A 128 -40.93 -10.32 -13.25
C CYS A 128 -41.88 -11.37 -13.84
N THR A 129 -42.54 -11.05 -14.94
CA THR A 129 -43.48 -11.95 -15.66
C THR A 129 -42.66 -12.81 -16.62
N GLY A 130 -41.53 -12.29 -17.10
CA GLY A 130 -40.66 -13.02 -18.03
C GLY A 130 -39.25 -12.49 -17.97
N LEU A 131 -38.52 -12.79 -16.90
CA LEU A 131 -37.14 -12.31 -16.70
C LEU A 131 -36.27 -12.84 -17.83
N GLN A 132 -35.67 -11.94 -18.59
CA GLN A 132 -34.74 -12.33 -19.66
C GLN A 132 -33.38 -12.67 -19.06
N GLY A 133 -32.98 -11.95 -18.01
CA GLY A 133 -31.68 -12.16 -17.47
C GLY A 133 -31.14 -10.87 -16.88
N PHE A 134 -29.81 -10.80 -16.81
CA PHE A 134 -29.16 -9.81 -15.98
C PHE A 134 -28.09 -9.08 -16.76
N LEU A 135 -27.96 -7.79 -16.42
CA LEU A 135 -26.87 -6.92 -16.86
C LEU A 135 -26.04 -6.70 -15.62
N VAL A 136 -24.76 -7.07 -15.67
CA VAL A 136 -23.94 -7.03 -14.47
C VAL A 136 -22.82 -6.05 -14.73
N PHE A 137 -22.76 -4.99 -13.92
CA PHE A 137 -21.76 -3.94 -14.09
C PHE A 137 -20.73 -4.07 -12.99
N HIS A 138 -19.46 -4.00 -13.37
CA HIS A 138 -18.44 -4.24 -12.34
C HIS A 138 -17.09 -3.89 -12.94
N SER A 139 -16.16 -3.66 -12.04
CA SER A 139 -14.77 -3.42 -12.45
C SER A 139 -14.08 -4.76 -12.56
N PHE A 140 -13.04 -4.83 -13.35
CA PHE A 140 -12.19 -6.03 -13.36
C PHE A 140 -11.14 -5.89 -12.26
N GLY A 141 -10.79 -4.66 -11.89
CA GLY A 141 -9.59 -4.51 -11.09
C GLY A 141 -9.92 -4.47 -9.61
N GLY A 142 -11.15 -4.13 -9.27
CA GLY A 142 -11.51 -4.06 -7.85
C GLY A 142 -11.66 -5.46 -7.26
N GLY A 143 -11.49 -5.56 -5.95
CA GLY A 143 -11.69 -6.86 -5.32
C GLY A 143 -13.15 -7.23 -5.28
N THR A 144 -14.01 -6.25 -5.06
CA THR A 144 -15.43 -6.56 -5.13
C THR A 144 -15.85 -6.74 -6.57
N GLY A 145 -15.54 -5.77 -7.43
CA GLY A 145 -15.92 -5.87 -8.81
C GLY A 145 -15.44 -7.19 -9.40
N SER A 146 -14.26 -7.63 -9.01
CA SER A 146 -13.79 -8.85 -9.66
C SER A 146 -14.29 -10.10 -8.92
N GLY A 147 -14.06 -10.17 -7.61
CA GLY A 147 -14.25 -11.40 -6.89
C GLY A 147 -15.69 -11.63 -6.49
N PHE A 148 -16.36 -10.57 -6.06
CA PHE A 148 -17.75 -10.76 -5.72
C PHE A 148 -18.59 -10.98 -6.95
N THR A 149 -18.27 -10.27 -8.03
CA THR A 149 -19.01 -10.49 -9.26
C THR A 149 -18.92 -11.94 -9.71
N SER A 150 -17.73 -12.53 -9.66
CA SER A 150 -17.61 -13.88 -10.16
C SER A 150 -18.37 -14.83 -9.26
N LEU A 151 -18.34 -14.58 -7.95
CA LEU A 151 -19.15 -15.32 -7.01
C LEU A 151 -20.62 -15.18 -7.36
N LEU A 152 -21.04 -13.93 -7.59
CA LEU A 152 -22.42 -13.66 -7.91
C LEU A 152 -22.83 -14.35 -9.22
N MET A 153 -22.00 -14.26 -10.25
CA MET A 153 -22.34 -14.90 -11.52
C MET A 153 -22.44 -16.42 -11.33
N GLU A 154 -21.51 -16.99 -10.55
CA GLU A 154 -21.59 -18.42 -10.26
C GLU A 154 -22.94 -18.75 -9.69
N ARG A 155 -23.35 -18.01 -8.66
CA ARG A 155 -24.65 -18.24 -8.02
C ARG A 155 -25.80 -18.00 -8.97
N LEU A 156 -25.73 -16.93 -9.79
CA LEU A 156 -26.85 -16.67 -10.67
C LEU A 156 -27.01 -17.80 -11.69
N SER A 157 -25.91 -18.37 -12.13
CA SER A 157 -26.03 -19.47 -13.07
C SER A 157 -26.78 -20.65 -12.47
N VAL A 158 -26.54 -20.94 -11.19
CA VAL A 158 -27.25 -22.00 -10.52
C VAL A 158 -28.71 -21.64 -10.40
N ASP A 159 -29.02 -20.45 -9.90
CA ASP A 159 -30.40 -20.15 -9.56
C ASP A 159 -31.23 -19.70 -10.74
N TYR A 160 -30.61 -19.27 -11.83
CA TYR A 160 -31.29 -18.73 -13.04
C TYR A 160 -30.66 -19.32 -14.30
N GLY A 161 -30.55 -20.64 -14.39
CA GLY A 161 -29.85 -21.33 -15.49
C GLY A 161 -30.19 -20.92 -16.89
N LYS A 162 -31.45 -20.64 -17.17
CA LYS A 162 -31.90 -20.33 -18.56
C LYS A 162 -31.75 -18.83 -18.84
N LYS A 163 -31.47 -18.03 -17.83
CA LYS A 163 -31.42 -16.56 -17.96
C LYS A 163 -30.09 -16.11 -18.53
N SER A 164 -30.13 -15.14 -19.43
CA SER A 164 -28.91 -14.56 -20.03
C SER A 164 -28.24 -13.67 -19.00
N LYS A 165 -26.93 -13.59 -18.99
CA LYS A 165 -26.15 -12.73 -18.08
C LYS A 165 -25.21 -11.92 -18.97
N LEU A 166 -25.47 -10.64 -19.15
CA LEU A 166 -24.59 -9.74 -19.92
C LEU A 166 -23.76 -8.97 -18.91
N GLU A 167 -22.53 -8.66 -19.21
CA GLU A 167 -21.68 -7.86 -18.32
C GLU A 167 -21.18 -6.57 -18.97
N PHE A 168 -21.11 -5.53 -18.19
CA PHE A 168 -20.35 -4.34 -18.58
C PHE A 168 -19.19 -4.32 -17.62
N SER A 169 -17.98 -4.48 -18.16
CA SER A 169 -16.79 -4.73 -17.38
C SER A 169 -15.81 -3.61 -17.58
N ILE A 170 -15.30 -3.08 -16.49
CA ILE A 170 -14.35 -1.99 -16.61
C ILE A 170 -12.98 -2.63 -16.56
N TYR A 171 -12.31 -2.48 -17.59
CA TYR A 171 -10.98 -2.95 -17.86
C TYR A 171 -9.96 -1.90 -17.41
N PRO A 172 -8.96 -2.30 -16.62
CA PRO A 172 -8.14 -1.33 -15.91
C PRO A 172 -7.18 -0.65 -16.84
N ALA A 173 -6.89 0.60 -16.52
CA ALA A 173 -5.97 1.47 -17.20
C ALA A 173 -5.03 2.10 -16.17
N PRO A 174 -3.74 2.20 -16.46
CA PRO A 174 -2.82 2.85 -15.50
C PRO A 174 -3.20 4.28 -15.17
N GLN A 175 -3.66 5.03 -16.17
CA GLN A 175 -3.98 6.47 -16.02
C GLN A 175 -4.96 6.69 -14.87
N VAL A 176 -5.91 5.80 -14.66
CA VAL A 176 -6.92 5.94 -13.59
C VAL A 176 -7.00 4.57 -12.93
N SER A 177 -6.01 4.22 -12.13
CA SER A 177 -5.91 2.88 -11.51
C SER A 177 -6.11 3.03 -10.02
N THR A 178 -6.45 1.97 -9.33
CA THR A 178 -6.65 1.97 -7.87
C THR A 178 -5.72 0.95 -7.21
N ALA A 179 -5.05 0.06 -7.94
CA ALA A 179 -4.24 -1.00 -7.31
C ALA A 179 -3.21 -1.62 -8.25
N VAL A 180 -2.12 -2.13 -7.69
CA VAL A 180 -1.14 -2.81 -8.49
C VAL A 180 -1.64 -4.17 -8.92
N VAL A 181 -2.61 -4.75 -8.19
CA VAL A 181 -2.95 -6.16 -8.37
C VAL A 181 -4.09 -6.26 -9.36
N GLU A 182 -4.45 -5.15 -9.96
CA GLU A 182 -5.62 -5.22 -10.84
C GLU A 182 -5.46 -6.22 -11.98
N PRO A 183 -4.29 -6.38 -12.61
CA PRO A 183 -4.15 -7.48 -13.61
C PRO A 183 -4.54 -8.85 -13.07
N TYR A 184 -4.21 -9.14 -11.81
CA TYR A 184 -4.58 -10.40 -11.20
C TYR A 184 -6.09 -10.50 -11.08
N ASN A 185 -6.71 -9.48 -10.47
CA ASN A 185 -8.15 -9.51 -10.30
C ASN A 185 -8.84 -9.69 -11.63
N SER A 186 -8.28 -9.08 -12.67
CA SER A 186 -8.86 -9.10 -14.02
C SER A 186 -8.86 -10.52 -14.61
N ILE A 187 -7.73 -11.23 -14.51
CA ILE A 187 -7.59 -12.61 -15.06
C ILE A 187 -8.45 -13.55 -14.22
N LEU A 188 -8.37 -13.39 -12.90
CA LEU A 188 -9.13 -14.25 -11.98
C LEU A 188 -10.63 -14.10 -12.25
N THR A 189 -11.10 -12.86 -12.36
CA THR A 189 -12.53 -12.80 -12.55
C THR A 189 -12.90 -13.25 -13.97
N THR A 190 -12.04 -12.96 -14.95
CA THR A 190 -12.36 -13.36 -16.31
C THR A 190 -12.44 -14.87 -16.39
N HIS A 191 -11.49 -15.55 -15.78
CA HIS A 191 -11.45 -17.02 -15.81
C HIS A 191 -12.72 -17.56 -15.18
N THR A 192 -13.10 -17.05 -14.00
CA THR A 192 -14.17 -17.72 -13.34
C THR A 192 -15.53 -17.28 -13.84
N THR A 193 -15.60 -16.20 -14.58
CA THR A 193 -16.90 -15.69 -15.09
C THR A 193 -17.11 -16.14 -16.54
N LEU A 194 -16.05 -16.60 -17.21
CA LEU A 194 -16.16 -16.85 -18.65
C LEU A 194 -17.30 -17.78 -18.97
N GLU A 195 -17.46 -18.83 -18.18
CA GLU A 195 -18.51 -19.81 -18.39
C GLU A 195 -19.89 -19.27 -18.05
N HIS A 196 -19.98 -18.27 -17.17
CA HIS A 196 -21.27 -17.85 -16.62
C HIS A 196 -21.85 -16.63 -17.31
N SER A 197 -21.11 -16.05 -18.23
CA SER A 197 -21.51 -14.82 -18.83
C SER A 197 -21.73 -15.06 -20.29
N ASP A 198 -22.81 -14.50 -20.84
CA ASP A 198 -23.10 -14.79 -22.24
C ASP A 198 -22.49 -13.78 -23.16
N CYS A 199 -22.22 -12.60 -22.67
CA CYS A 199 -21.80 -11.55 -23.55
C CYS A 199 -21.24 -10.49 -22.63
N ALA A 200 -20.06 -9.99 -22.92
CA ALA A 200 -19.49 -9.01 -22.00
C ALA A 200 -18.90 -7.86 -22.80
N PHE A 201 -19.38 -6.66 -22.49
CA PHE A 201 -18.91 -5.39 -23.10
C PHE A 201 -17.85 -4.80 -22.18
N MET A 202 -16.60 -5.00 -22.53
CA MET A 202 -15.47 -4.42 -21.79
C MET A 202 -15.36 -2.93 -22.13
N VAL A 203 -15.22 -2.11 -21.11
CA VAL A 203 -14.97 -0.66 -21.26
C VAL A 203 -13.53 -0.46 -20.79
N ASP A 204 -12.66 -0.11 -21.71
CA ASP A 204 -11.24 0.12 -21.42
C ASP A 204 -11.13 1.53 -20.82
N ASN A 205 -10.86 1.63 -19.53
CA ASN A 205 -10.71 2.93 -18.85
C ASN A 205 -9.71 3.80 -19.62
N GLU A 206 -8.72 3.21 -20.26
CA GLU A 206 -7.76 4.01 -21.01
C GLU A 206 -8.38 4.59 -22.27
N ALA A 207 -9.20 3.79 -22.97
CA ALA A 207 -9.92 4.28 -24.13
C ALA A 207 -10.84 5.45 -23.75
N ILE A 208 -11.60 5.29 -22.68
CA ILE A 208 -12.52 6.36 -22.28
C ILE A 208 -11.72 7.60 -21.86
N TYR A 209 -10.66 7.38 -21.10
CA TYR A 209 -9.78 8.46 -20.70
C TYR A 209 -9.30 9.24 -21.91
N ASP A 210 -8.76 8.52 -22.89
CA ASP A 210 -8.22 9.14 -24.12
C ASP A 210 -9.33 9.89 -24.85
N ILE A 211 -10.53 9.34 -24.93
CA ILE A 211 -11.62 10.06 -25.57
C ILE A 211 -11.94 11.32 -24.81
N CYS A 212 -12.02 11.23 -23.46
CA CYS A 212 -12.29 12.42 -22.68
C CYS A 212 -11.25 13.50 -22.96
N ARG A 213 -9.98 13.16 -23.07
CA ARG A 213 -8.90 14.16 -23.25
C ARG A 213 -8.90 14.69 -24.69
N ARG A 214 -9.07 13.82 -25.66
CA ARG A 214 -8.97 14.20 -27.09
C ARG A 214 -10.27 14.83 -27.59
N ASN A 215 -11.42 14.20 -27.43
CA ASN A 215 -12.68 14.70 -28.03
C ASN A 215 -13.39 15.70 -27.11
N LEU A 216 -13.16 15.60 -25.82
CA LEU A 216 -13.92 16.44 -24.90
C LEU A 216 -13.04 17.49 -24.29
N ASP A 217 -11.77 17.52 -24.67
CA ASP A 217 -10.80 18.51 -24.20
C ASP A 217 -10.77 18.57 -22.68
N ILE A 218 -10.87 17.42 -22.04
CA ILE A 218 -10.82 17.37 -20.60
C ILE A 218 -9.42 16.94 -20.20
N GLU A 219 -8.69 17.85 -19.58
CA GLU A 219 -7.26 17.62 -19.31
C GLU A 219 -7.04 16.42 -18.40
N ARG A 220 -7.64 16.41 -17.22
CA ARG A 220 -7.51 15.26 -16.35
C ARG A 220 -8.91 14.75 -16.12
N PRO A 221 -9.37 13.78 -16.91
CA PRO A 221 -10.73 13.27 -16.72
C PRO A 221 -10.84 12.61 -15.34
N THR A 222 -11.95 12.88 -14.65
CA THR A 222 -12.30 12.15 -13.44
C THR A 222 -13.28 11.02 -13.76
N TYR A 223 -13.60 10.22 -12.75
CA TYR A 223 -14.62 9.17 -12.91
C TYR A 223 -15.94 9.72 -13.42
N THR A 224 -16.32 10.90 -12.95
CA THR A 224 -17.59 11.55 -13.37
C THR A 224 -17.54 11.74 -14.89
N ASN A 225 -16.44 12.27 -15.42
CA ASN A 225 -16.38 12.41 -16.87
C ASN A 225 -16.40 11.07 -17.55
N LEU A 226 -15.58 10.15 -17.07
CA LEU A 226 -15.55 8.82 -17.69
C LEU A 226 -16.92 8.20 -17.68
N ASN A 227 -17.56 8.20 -16.51
CA ASN A 227 -18.79 7.49 -16.33
C ASN A 227 -19.89 8.11 -17.16
N ARG A 228 -19.84 9.40 -17.41
CA ARG A 228 -20.85 10.04 -18.27
C ARG A 228 -20.69 9.53 -19.71
N LEU A 229 -19.48 9.39 -20.19
CA LEU A 229 -19.24 8.88 -21.57
C LEU A 229 -19.69 7.42 -21.58
N ILE A 230 -19.30 6.66 -20.56
CA ILE A 230 -19.64 5.25 -20.54
C ILE A 230 -21.15 5.08 -20.54
N SER A 231 -21.85 5.87 -19.73
CA SER A 231 -23.29 5.68 -19.64
C SER A 231 -23.95 5.98 -20.98
N GLN A 232 -23.41 6.94 -21.73
CA GLN A 232 -23.92 7.19 -23.07
C GLN A 232 -23.74 5.96 -23.94
N ILE A 233 -22.59 5.30 -23.81
CA ILE A 233 -22.38 4.12 -24.61
C ILE A 233 -23.26 2.99 -24.12
N VAL A 234 -23.31 2.78 -22.79
CA VAL A 234 -24.18 1.72 -22.26
C VAL A 234 -25.61 1.96 -22.68
N SER A 235 -26.07 3.20 -22.55
CA SER A 235 -27.43 3.51 -23.00
C SER A 235 -27.64 3.10 -24.45
N SER A 236 -26.66 3.40 -25.31
CA SER A 236 -26.82 3.05 -26.73
C SER A 236 -26.89 1.54 -26.91
N ILE A 237 -26.17 0.81 -26.09
CA ILE A 237 -26.14 -0.63 -26.22
C ILE A 237 -27.45 -1.22 -25.72
N THR A 238 -27.99 -0.68 -24.65
CA THR A 238 -29.21 -1.25 -24.06
C THR A 238 -30.49 -0.62 -24.59
N ALA A 239 -30.37 0.44 -25.39
CA ALA A 239 -31.53 1.09 -25.95
C ALA A 239 -32.47 0.09 -26.59
N SER A 240 -31.92 -0.90 -27.30
CA SER A 240 -32.80 -1.82 -28.01
C SER A 240 -33.66 -2.61 -27.05
N LEU A 241 -33.18 -2.80 -25.81
CA LEU A 241 -33.95 -3.50 -24.79
C LEU A 241 -35.05 -2.66 -24.21
N ARG A 242 -34.94 -1.34 -24.31
CA ARG A 242 -35.76 -0.41 -23.59
C ARG A 242 -36.75 0.30 -24.49
N PHE A 243 -36.57 0.21 -25.79
CA PHE A 243 -37.35 0.97 -26.73
C PHE A 243 -37.77 0.00 -27.78
N ASP A 244 -38.75 0.39 -28.53
CA ASP A 244 -39.12 -0.45 -29.65
C ASP A 244 -37.93 -0.45 -30.61
N GLY A 245 -37.82 -1.51 -31.36
CA GLY A 245 -36.73 -1.62 -32.31
C GLY A 245 -36.71 -3.02 -32.84
N ALA A 246 -35.84 -3.24 -33.81
CA ALA A 246 -35.80 -4.49 -34.54
C ALA A 246 -34.48 -5.19 -34.42
N LEU A 247 -33.51 -4.61 -33.74
CA LEU A 247 -32.23 -5.27 -33.56
C LEU A 247 -31.91 -5.41 -32.07
N ASN A 248 -31.52 -6.62 -31.64
CA ASN A 248 -31.07 -6.81 -30.26
C ASN A 248 -32.20 -6.55 -29.30
N VAL A 249 -33.37 -7.07 -29.63
CA VAL A 249 -34.51 -6.65 -28.84
C VAL A 249 -34.60 -7.43 -27.56
N ASP A 250 -33.80 -8.47 -27.39
CA ASP A 250 -33.77 -9.12 -26.10
C ASP A 250 -32.37 -9.65 -25.88
N LEU A 251 -32.12 -10.07 -24.65
CA LEU A 251 -30.78 -10.48 -24.28
C LEU A 251 -30.28 -11.58 -25.15
N THR A 252 -31.16 -12.51 -25.56
CA THR A 252 -30.74 -13.64 -26.39
C THR A 252 -30.22 -13.17 -27.74
N GLU A 253 -30.89 -12.18 -28.31
CA GLU A 253 -30.46 -11.69 -29.61
C GLU A 253 -29.06 -11.10 -29.52
N PHE A 254 -28.67 -10.56 -28.37
CA PHE A 254 -27.29 -10.10 -28.25
C PHE A 254 -26.33 -11.23 -28.55
N GLN A 255 -26.54 -12.40 -27.97
CA GLN A 255 -25.60 -13.54 -28.16
C GLN A 255 -25.71 -14.00 -29.60
N THR A 256 -26.92 -14.15 -30.10
CA THR A 256 -27.15 -14.54 -31.47
C THR A 256 -26.43 -13.61 -32.43
N ASN A 257 -26.58 -12.30 -32.23
CA ASN A 257 -25.97 -11.37 -33.18
C ASN A 257 -24.49 -11.20 -32.97
N LEU A 258 -24.00 -11.29 -31.75
CA LEU A 258 -22.63 -10.88 -31.50
C LEU A 258 -21.69 -11.96 -31.04
N VAL A 259 -22.20 -13.08 -30.58
CA VAL A 259 -21.32 -14.08 -29.99
C VAL A 259 -21.38 -15.34 -30.84
N PRO A 260 -20.48 -15.54 -31.80
CA PRO A 260 -20.55 -16.76 -32.64
C PRO A 260 -20.27 -18.01 -31.87
N TYR A 261 -19.39 -17.96 -30.87
CA TYR A 261 -19.05 -19.09 -30.03
C TYR A 261 -18.97 -18.62 -28.60
N PRO A 262 -19.32 -19.51 -27.64
CA PRO A 262 -19.54 -19.04 -26.26
C PRO A 262 -18.39 -18.27 -25.64
N ARG A 263 -17.13 -18.61 -25.92
CA ARG A 263 -16.07 -18.00 -25.12
C ARG A 263 -15.61 -16.66 -25.65
N ILE A 264 -15.77 -16.42 -26.95
CA ILE A 264 -15.20 -15.22 -27.53
C ILE A 264 -16.39 -14.28 -27.52
N HIS A 265 -16.75 -13.88 -26.34
CA HIS A 265 -18.04 -13.26 -26.13
C HIS A 265 -17.84 -11.83 -25.70
N PHE A 266 -16.84 -11.19 -26.29
CA PHE A 266 -16.42 -9.84 -25.93
C PHE A 266 -16.51 -8.93 -27.15
N PRO A 267 -17.71 -8.36 -27.37
CA PRO A 267 -17.88 -7.40 -28.44
C PRO A 267 -17.16 -6.07 -28.17
N LEU A 268 -16.63 -5.47 -29.21
CA LEU A 268 -16.02 -4.14 -29.16
C LEU A 268 -17.12 -3.12 -29.41
N ALA A 269 -17.30 -2.16 -28.53
CA ALA A 269 -18.27 -1.07 -28.74
C ALA A 269 -17.49 0.10 -29.33
N THR A 270 -17.97 0.77 -30.34
CA THR A 270 -17.35 1.98 -30.90
C THR A 270 -18.48 3.03 -30.89
N TYR A 271 -18.22 4.28 -30.54
CA TYR A 271 -19.32 5.26 -30.44
C TYR A 271 -18.92 6.56 -31.12
N ALA A 272 -19.90 7.15 -31.78
CA ALA A 272 -19.67 8.42 -32.49
C ALA A 272 -21.03 9.07 -32.77
N PRO A 273 -21.07 10.42 -32.75
CA PRO A 273 -19.90 11.22 -32.42
C PRO A 273 -19.78 11.67 -30.96
N VAL A 274 -18.55 11.85 -30.52
CA VAL A 274 -18.28 12.39 -29.16
C VAL A 274 -17.76 13.82 -29.36
N ILE A 275 -18.57 14.81 -28.99
CA ILE A 275 -18.26 16.20 -29.28
C ILE A 275 -18.42 16.98 -28.01
N SER A 276 -17.45 17.83 -27.73
CA SER A 276 -17.51 18.62 -26.50
C SER A 276 -18.75 19.48 -26.46
N ALA A 277 -19.36 19.59 -25.28
CA ALA A 277 -20.47 20.53 -25.09
C ALA A 277 -20.05 21.99 -25.33
N GLU A 278 -18.76 22.31 -25.21
CA GLU A 278 -18.32 23.66 -25.57
C GLU A 278 -18.53 23.92 -27.03
N LYS A 279 -18.65 22.89 -27.84
CA LYS A 279 -18.93 23.12 -29.24
C LYS A 279 -20.42 22.89 -29.48
N ALA A 280 -21.22 23.79 -28.89
CA ALA A 280 -22.68 23.73 -29.01
C ALA A 280 -23.14 23.99 -30.44
N TYR A 281 -22.36 24.73 -31.20
CA TYR A 281 -22.78 25.09 -32.58
C TYR A 281 -22.02 24.25 -33.60
N HIS A 282 -21.44 23.14 -33.14
CA HIS A 282 -20.71 22.20 -34.03
C HIS A 282 -21.52 21.90 -35.27
N GLU A 283 -20.86 21.77 -36.41
CA GLU A 283 -21.57 21.33 -37.64
C GLU A 283 -22.08 19.92 -37.34
N GLN A 284 -23.24 19.58 -37.85
CA GLN A 284 -23.84 18.24 -37.61
C GLN A 284 -23.15 17.27 -38.54
N LEU A 285 -22.71 16.13 -38.03
CA LEU A 285 -22.00 15.14 -38.85
C LEU A 285 -23.06 14.23 -39.50
N SER A 286 -22.79 13.83 -40.72
CA SER A 286 -23.71 13.03 -41.48
C SER A 286 -23.67 11.57 -41.05
N VAL A 287 -24.63 10.78 -41.55
CA VAL A 287 -24.60 9.35 -41.30
C VAL A 287 -23.28 8.76 -41.78
N ALA A 288 -22.79 9.18 -42.95
CA ALA A 288 -21.55 8.62 -43.47
C ALA A 288 -20.40 8.97 -42.56
N GLU A 289 -20.37 10.19 -42.06
CA GLU A 289 -19.24 10.57 -41.24
C GLU A 289 -19.23 9.77 -39.97
N ILE A 290 -20.38 9.64 -39.32
CA ILE A 290 -20.32 8.96 -38.02
C ILE A 290 -20.14 7.48 -38.24
N THR A 291 -20.61 6.96 -39.38
CA THR A 291 -20.40 5.54 -39.59
C THR A 291 -18.92 5.27 -39.87
N ASN A 292 -18.29 6.12 -40.67
CA ASN A 292 -16.85 6.02 -40.90
C ASN A 292 -16.09 6.03 -39.58
N ALA A 293 -16.52 6.89 -38.63
CA ALA A 293 -15.90 7.05 -37.34
C ALA A 293 -15.95 5.78 -36.52
N CYS A 294 -16.88 4.87 -36.81
CA CYS A 294 -16.92 3.61 -36.07
C CYS A 294 -15.76 2.71 -36.42
N PHE A 295 -15.07 2.97 -37.51
CA PHE A 295 -13.91 2.19 -37.86
C PHE A 295 -12.63 2.95 -37.55
N GLU A 296 -12.73 4.04 -36.83
CA GLU A 296 -11.54 4.70 -36.31
C GLU A 296 -11.19 4.12 -34.95
N PRO A 297 -9.99 3.57 -34.74
CA PRO A 297 -9.67 3.00 -33.42
C PRO A 297 -9.82 3.99 -32.29
N ALA A 298 -9.70 5.29 -32.56
CA ALA A 298 -9.83 6.35 -31.56
C ALA A 298 -11.21 6.44 -30.93
N ASN A 299 -12.23 5.88 -31.55
CA ASN A 299 -13.61 5.96 -31.03
C ASN A 299 -13.97 4.65 -30.33
N GLN A 300 -13.03 3.75 -30.17
CA GLN A 300 -13.32 2.43 -29.60
C GLN A 300 -13.38 2.48 -28.08
N MET A 301 -14.23 1.65 -27.48
CA MET A 301 -14.36 1.53 -26.01
C MET A 301 -13.16 0.74 -25.48
N VAL A 302 -12.50 -0.02 -26.32
CA VAL A 302 -11.35 -0.80 -25.94
C VAL A 302 -10.26 -0.43 -26.89
N LYS A 303 -9.08 -0.23 -26.35
CA LYS A 303 -7.92 0.05 -27.16
C LYS A 303 -7.45 -1.22 -27.83
N CYS A 304 -7.55 -1.24 -29.16
CA CYS A 304 -7.04 -2.33 -29.97
C CYS A 304 -7.17 -1.86 -31.40
N ASP A 305 -6.61 -2.61 -32.33
CA ASP A 305 -6.67 -2.19 -33.73
C ASP A 305 -7.46 -3.21 -34.50
N PRO A 306 -8.74 -2.94 -34.84
CA PRO A 306 -9.52 -3.91 -35.60
C PRO A 306 -9.02 -4.10 -37.01
N ARG A 307 -8.21 -3.18 -37.55
CA ARG A 307 -7.51 -3.48 -38.80
C ARG A 307 -6.59 -4.68 -38.65
N HIS A 308 -6.17 -5.00 -37.44
CA HIS A 308 -5.32 -6.18 -37.22
C HIS A 308 -6.14 -7.44 -36.94
N GLY A 309 -7.47 -7.39 -37.10
CA GLY A 309 -8.33 -8.48 -36.68
C GLY A 309 -9.31 -8.82 -37.79
N LYS A 310 -10.08 -9.86 -37.54
CA LYS A 310 -11.19 -10.20 -38.41
C LYS A 310 -12.48 -9.98 -37.64
N TYR A 311 -13.50 -9.47 -38.32
CA TYR A 311 -14.79 -9.29 -37.71
C TYR A 311 -15.57 -10.59 -37.83
N MET A 312 -16.30 -10.94 -36.79
CA MET A 312 -17.24 -12.03 -36.87
C MET A 312 -18.67 -11.56 -36.83
N ALA A 313 -18.92 -10.36 -36.33
CA ALA A 313 -20.27 -9.81 -36.34
C ALA A 313 -20.13 -8.30 -36.25
N CYS A 314 -21.11 -7.62 -36.79
CA CYS A 314 -21.07 -6.15 -36.72
CA CYS A 314 -21.07 -6.15 -36.80
C CYS A 314 -22.50 -5.65 -36.75
N CYS A 315 -22.86 -4.97 -35.67
CA CYS A 315 -24.17 -4.35 -35.55
C CYS A 315 -23.98 -2.85 -35.51
N LEU A 316 -24.76 -2.12 -36.26
CA LEU A 316 -24.74 -0.67 -36.14
C LEU A 316 -26.06 -0.22 -35.54
N LEU A 317 -25.97 0.47 -34.40
CA LEU A 317 -27.12 0.95 -33.67
C LEU A 317 -27.10 2.46 -33.80
N TYR A 318 -27.96 2.97 -34.64
CA TYR A 318 -28.06 4.41 -34.88
C TYR A 318 -29.12 4.98 -33.94
N ARG A 319 -28.96 6.21 -33.52
CA ARG A 319 -29.93 6.93 -32.68
C ARG A 319 -30.06 8.33 -33.27
N GLY A 320 -31.23 8.69 -33.74
CA GLY A 320 -31.45 10.05 -34.18
C GLY A 320 -31.94 10.20 -35.61
N ASP A 321 -31.51 11.25 -36.27
CA ASP A 321 -32.04 11.67 -37.57
C ASP A 321 -31.26 10.90 -38.62
N VAL A 322 -31.68 9.65 -38.83
CA VAL A 322 -30.87 8.71 -39.58
C VAL A 322 -31.77 8.08 -40.63
N VAL A 323 -31.55 8.45 -41.87
CA VAL A 323 -32.38 7.88 -42.94
C VAL A 323 -31.79 6.53 -43.32
N PRO A 324 -32.60 5.48 -43.32
CA PRO A 324 -32.05 4.13 -43.56
C PRO A 324 -31.25 4.04 -44.85
N LYS A 325 -31.68 4.70 -45.91
CA LYS A 325 -30.96 4.60 -47.20
C LYS A 325 -29.60 5.28 -47.07
N ASP A 326 -29.46 6.26 -46.18
CA ASP A 326 -28.14 6.84 -45.99
C ASP A 326 -27.25 5.86 -45.25
N VAL A 327 -27.83 5.06 -44.34
CA VAL A 327 -27.04 4.02 -43.68
C VAL A 327 -26.53 3.04 -44.73
N ASN A 328 -27.43 2.52 -45.55
CA ASN A 328 -27.07 1.53 -46.60
C ASN A 328 -25.93 2.09 -47.45
N ALA A 329 -26.04 3.33 -47.91
CA ALA A 329 -25.02 3.99 -48.75
C ALA A 329 -23.68 4.06 -48.02
N ALA A 330 -23.67 4.42 -46.75
CA ALA A 330 -22.44 4.55 -45.94
C ALA A 330 -21.81 3.18 -45.74
N ILE A 331 -22.64 2.18 -45.54
CA ILE A 331 -22.17 0.78 -45.36
C ILE A 331 -21.55 0.35 -46.68
N ALA A 332 -22.14 0.70 -47.82
CA ALA A 332 -21.63 0.32 -49.15
C ALA A 332 -20.25 0.95 -49.31
N THR A 333 -20.11 2.20 -48.89
CA THR A 333 -18.84 2.95 -49.02
C THR A 333 -17.88 2.55 -47.91
N ILE A 334 -18.23 1.64 -47.02
CA ILE A 334 -17.28 1.16 -45.99
C ILE A 334 -16.90 -0.26 -46.41
N LYS A 335 -17.86 -1.02 -46.91
CA LYS A 335 -17.60 -2.39 -47.41
C LYS A 335 -16.60 -2.25 -48.56
N THR A 336 -16.51 -1.07 -49.18
CA THR A 336 -15.56 -0.78 -50.29
C THR A 336 -14.97 0.60 -50.01
N LYS A 337 -13.68 0.68 -49.64
CA LYS A 337 -13.00 1.94 -49.25
C LYS A 337 -12.23 1.69 -47.96
N ARG A 338 -12.76 0.83 -47.08
CA ARG A 338 -12.11 0.49 -45.79
C ARG A 338 -11.63 -0.96 -45.81
N SER A 339 -10.66 -1.30 -44.96
CA SER A 339 -10.09 -2.66 -44.82
C SER A 339 -10.85 -3.40 -43.71
N ILE A 340 -12.12 -3.71 -43.95
CA ILE A 340 -12.94 -4.50 -43.01
C ILE A 340 -12.90 -5.92 -43.56
N GLN A 341 -12.39 -6.85 -42.79
CA GLN A 341 -12.25 -8.23 -43.23
C GLN A 341 -13.05 -9.11 -42.29
N PHE A 342 -14.16 -9.68 -42.75
CA PHE A 342 -14.84 -10.66 -41.94
C PHE A 342 -14.13 -11.99 -42.02
N VAL A 343 -14.43 -12.83 -41.04
CA VAL A 343 -13.94 -14.22 -41.08
C VAL A 343 -14.69 -14.87 -42.24
N ASP A 344 -14.14 -15.93 -42.80
CA ASP A 344 -14.74 -16.55 -44.01
C ASP A 344 -16.04 -17.27 -43.68
N TRP A 345 -16.28 -17.61 -42.42
CA TRP A 345 -17.45 -18.45 -42.07
C TRP A 345 -18.62 -17.59 -41.64
N CYS A 346 -18.44 -16.28 -41.64
CA CYS A 346 -19.50 -15.38 -41.16
C CYS A 346 -20.03 -14.57 -42.33
N PRO A 347 -21.35 -14.36 -42.41
CA PRO A 347 -21.88 -13.45 -43.42
C PRO A 347 -21.14 -12.12 -43.25
N THR A 348 -20.52 -11.64 -44.32
CA THR A 348 -19.84 -10.35 -44.32
C THR A 348 -20.88 -9.22 -44.42
N GLY A 349 -21.65 -9.07 -43.34
CA GLY A 349 -22.78 -8.18 -43.33
C GLY A 349 -22.85 -7.39 -42.03
N PHE A 350 -23.64 -6.34 -42.10
CA PHE A 350 -23.83 -5.43 -41.00
C PHE A 350 -25.28 -5.49 -40.61
N LYS A 351 -25.56 -5.69 -39.34
CA LYS A 351 -26.93 -5.56 -38.91
C LYS A 351 -27.14 -4.12 -38.49
N VAL A 352 -28.30 -3.58 -38.82
CA VAL A 352 -28.54 -2.17 -38.62
C VAL A 352 -29.80 -2.05 -37.78
N GLY A 353 -29.75 -1.22 -36.76
CA GLY A 353 -30.92 -0.88 -35.98
C GLY A 353 -30.98 0.63 -35.95
N ILE A 354 -32.12 1.25 -36.14
CA ILE A 354 -32.22 2.73 -36.04
C ILE A 354 -33.32 3.11 -35.05
N ASN A 355 -32.95 3.78 -33.98
CA ASN A 355 -33.90 4.38 -33.03
C ASN A 355 -33.91 5.82 -33.52
N TYR A 356 -35.03 6.40 -33.87
CA TYR A 356 -35.06 7.74 -34.54
C TYR A 356 -35.07 8.88 -33.51
N GLN A 357 -34.90 8.57 -32.24
CA GLN A 357 -34.77 9.61 -31.20
C GLN A 357 -33.26 9.88 -31.05
N PRO A 358 -32.84 11.14 -31.13
CA PRO A 358 -31.44 11.45 -30.92
C PRO A 358 -31.07 11.16 -29.45
N PRO A 359 -29.77 10.98 -29.15
CA PRO A 359 -29.33 10.71 -27.79
C PRO A 359 -29.69 11.86 -26.87
N THR A 360 -29.92 11.52 -25.63
CA THR A 360 -30.17 12.50 -24.60
C THR A 360 -28.85 12.97 -24.01
N VAL A 361 -28.80 14.25 -23.69
CA VAL A 361 -27.61 14.83 -23.03
C VAL A 361 -27.97 14.94 -21.55
N VAL A 362 -27.06 14.57 -20.67
CA VAL A 362 -27.31 14.74 -19.26
C VAL A 362 -26.93 16.17 -18.90
N PRO A 363 -27.79 16.90 -18.19
CA PRO A 363 -27.39 18.21 -17.68
C PRO A 363 -26.12 18.06 -16.85
N GLY A 364 -25.17 18.94 -17.10
CA GLY A 364 -23.89 18.81 -16.43
C GLY A 364 -22.91 17.94 -17.18
N GLY A 365 -23.33 17.31 -18.27
CA GLY A 365 -22.45 16.47 -19.03
C GLY A 365 -21.51 17.23 -19.89
N ASP A 366 -20.61 16.48 -20.48
CA ASP A 366 -19.54 17.02 -21.26
C ASP A 366 -19.85 16.96 -22.72
N LEU A 367 -20.96 16.32 -23.02
CA LEU A 367 -21.26 16.01 -24.43
C LEU A 367 -22.22 17.02 -25.04
N ALA A 368 -21.90 17.46 -26.25
CA ALA A 368 -22.85 18.27 -27.01
C ALA A 368 -24.02 17.42 -27.48
N LYS A 369 -25.18 18.05 -27.61
CA LYS A 369 -26.31 17.41 -28.26
C LYS A 369 -25.93 17.11 -29.69
N VAL A 370 -26.39 15.98 -30.19
CA VAL A 370 -26.15 15.68 -31.58
C VAL A 370 -27.46 15.17 -32.12
N GLN A 371 -27.61 15.32 -33.44
CA GLN A 371 -28.82 14.89 -34.16
C GLN A 371 -28.79 13.40 -34.47
N ARG A 372 -27.61 12.78 -34.57
CA ARG A 372 -27.53 11.38 -34.92
C ARG A 372 -26.26 10.87 -34.32
N ALA A 373 -26.31 9.62 -33.91
CA ALA A 373 -25.20 9.00 -33.25
C ALA A 373 -25.28 7.55 -33.59
N VAL A 374 -24.20 6.86 -33.35
CA VAL A 374 -24.14 5.49 -33.76
C VAL A 374 -23.25 4.81 -32.76
N CYS A 375 -23.68 3.62 -32.36
CA CYS A 375 -22.88 2.71 -31.57
C CYS A 375 -22.65 1.50 -32.45
N MET A 376 -21.42 1.16 -32.75
CA MET A 376 -21.19 -0.10 -33.47
C MET A 376 -20.76 -1.16 -32.46
N LEU A 377 -21.40 -2.31 -32.51
CA LEU A 377 -21.02 -3.46 -31.71
C LEU A 377 -20.45 -4.49 -32.67
N SER A 378 -19.22 -4.86 -32.45
CA SER A 378 -18.59 -5.77 -33.37
C SER A 378 -17.90 -6.83 -32.55
N ASN A 379 -17.87 -8.01 -33.03
CA ASN A 379 -17.02 -9.02 -32.45
C ASN A 379 -15.87 -9.14 -33.40
N THR A 380 -14.73 -8.71 -32.97
CA THR A 380 -13.53 -8.71 -33.76
C THR A 380 -12.44 -9.36 -32.95
N THR A 381 -11.63 -10.18 -33.60
CA THR A 381 -10.49 -10.81 -32.95
C THR A 381 -9.46 -9.81 -32.48
N ALA A 382 -9.49 -8.56 -32.94
CA ALA A 382 -8.51 -7.60 -32.45
C ALA A 382 -8.68 -7.32 -30.97
N ILE A 383 -9.84 -7.63 -30.39
CA ILE A 383 -9.93 -7.40 -28.97
C ILE A 383 -9.01 -8.33 -28.18
N ALA A 384 -8.58 -9.44 -28.78
CA ALA A 384 -7.57 -10.25 -28.15
C ALA A 384 -6.34 -9.42 -27.78
N GLU A 385 -6.10 -8.29 -28.43
CA GLU A 385 -4.96 -7.44 -28.05
C GLU A 385 -5.16 -6.92 -26.61
N ALA A 386 -6.40 -6.62 -26.25
CA ALA A 386 -6.65 -6.18 -24.88
C ALA A 386 -6.32 -7.27 -23.87
N TRP A 387 -6.71 -8.53 -24.17
CA TRP A 387 -6.36 -9.63 -23.27
C TRP A 387 -4.86 -9.81 -23.19
N ALA A 388 -4.18 -9.73 -24.33
CA ALA A 388 -2.74 -9.93 -24.36
C ALA A 388 -2.07 -8.93 -23.45
N ARG A 389 -2.50 -7.67 -23.47
CA ARG A 389 -1.86 -6.64 -22.64
C ARG A 389 -2.06 -6.97 -21.18
N LEU A 390 -3.28 -7.36 -20.84
CA LEU A 390 -3.58 -7.73 -19.47
C LEU A 390 -2.78 -8.97 -19.07
N ASP A 391 -2.76 -9.96 -19.94
CA ASP A 391 -2.10 -11.26 -19.65
C ASP A 391 -0.62 -11.01 -19.39
N HIS A 392 -0.01 -10.09 -20.11
CA HIS A 392 1.43 -9.76 -19.97
C HIS A 392 1.71 -9.12 -18.62
N LYS A 393 0.88 -8.19 -18.18
CA LYS A 393 1.07 -7.62 -16.85
C LYS A 393 0.93 -8.71 -15.81
N PHE A 394 -0.12 -9.52 -15.92
CA PHE A 394 -0.27 -10.68 -15.05
C PHE A 394 0.99 -11.50 -15.02
N ASP A 395 1.51 -11.84 -16.19
CA ASP A 395 2.65 -12.75 -16.24
C ASP A 395 3.87 -12.12 -15.58
N LEU A 396 4.06 -10.83 -15.77
CA LEU A 396 5.25 -10.16 -15.19
C LEU A 396 5.27 -10.38 -13.67
N MET A 397 4.14 -10.14 -13.03
CA MET A 397 4.05 -10.27 -11.55
C MET A 397 3.99 -11.74 -11.14
N TYR A 398 3.20 -12.56 -11.82
CA TYR A 398 3.02 -13.98 -11.40
C TYR A 398 4.35 -14.73 -11.55
N ALA A 399 5.13 -14.40 -12.58
CA ALA A 399 6.44 -15.02 -12.71
C ALA A 399 7.19 -15.01 -11.38
N LYS A 400 7.10 -13.92 -10.63
CA LYS A 400 7.76 -13.81 -9.34
C LYS A 400 6.83 -14.08 -8.18
N ARG A 401 5.59 -14.42 -8.46
CA ARG A 401 4.57 -14.67 -7.43
C ARG A 401 4.40 -13.41 -6.59
N ALA A 402 4.64 -12.23 -7.18
CA ALA A 402 4.38 -10.99 -6.47
C ALA A 402 2.92 -10.95 -6.06
N PHE A 403 2.69 -10.55 -4.82
CA PHE A 403 1.35 -10.28 -4.27
C PHE A 403 0.49 -11.52 -4.09
N VAL A 404 0.97 -12.65 -4.56
CA VAL A 404 0.12 -13.82 -4.55
C VAL A 404 -0.26 -14.21 -3.14
N HIS A 405 0.59 -13.89 -2.17
CA HIS A 405 0.37 -14.28 -0.76
C HIS A 405 -0.93 -13.65 -0.26
N TRP A 406 -1.28 -12.50 -0.82
CA TRP A 406 -2.48 -11.83 -0.36
C TRP A 406 -3.72 -12.63 -0.73
N TYR A 407 -3.67 -13.29 -1.87
CA TYR A 407 -4.79 -14.06 -2.39
C TYR A 407 -4.88 -15.39 -1.67
N VAL A 408 -3.75 -16.05 -1.53
CA VAL A 408 -3.72 -17.32 -0.81
C VAL A 408 -4.12 -17.13 0.64
N GLY A 409 -3.75 -16.01 1.25
CA GLY A 409 -4.19 -15.83 2.62
C GLY A 409 -5.67 -15.56 2.76
N GLU A 410 -6.39 -15.40 1.66
CA GLU A 410 -7.81 -15.03 1.70
C GLU A 410 -8.64 -16.15 1.11
N GLY A 411 -8.22 -17.38 1.38
CA GLY A 411 -8.99 -18.55 1.05
C GLY A 411 -8.74 -19.16 -0.31
N MET A 412 -7.78 -18.66 -1.08
CA MET A 412 -7.60 -19.08 -2.49
C MET A 412 -6.40 -20.02 -2.66
N GLU A 413 -6.53 -20.98 -3.56
CA GLU A 413 -5.41 -21.88 -3.81
C GLU A 413 -4.53 -21.22 -4.85
N GLU A 414 -3.24 -21.31 -4.66
CA GLU A 414 -2.34 -20.76 -5.63
C GLU A 414 -2.59 -21.33 -7.02
N GLY A 415 -3.02 -22.58 -7.10
CA GLY A 415 -3.28 -23.16 -8.40
C GLY A 415 -4.36 -22.42 -9.15
N GLU A 416 -5.20 -21.67 -8.44
CA GLU A 416 -6.22 -20.94 -9.17
C GLU A 416 -5.58 -19.89 -10.09
N PHE A 417 -4.41 -19.37 -9.73
CA PHE A 417 -3.75 -18.41 -10.59
C PHE A 417 -3.37 -19.04 -11.91
N SER A 418 -2.79 -20.24 -11.86
CA SER A 418 -2.33 -20.91 -13.08
C SER A 418 -3.52 -21.35 -13.91
N GLU A 419 -4.54 -21.88 -13.26
CA GLU A 419 -5.73 -22.25 -14.03
C GLU A 419 -6.32 -21.02 -14.73
N ALA A 420 -6.45 -19.92 -14.00
CA ALA A 420 -6.96 -18.70 -14.62
C ALA A 420 -6.10 -18.32 -15.80
N ARG A 421 -4.79 -18.33 -15.61
CA ARG A 421 -3.90 -17.84 -16.64
C ARG A 421 -3.94 -18.73 -17.88
N GLU A 422 -3.97 -20.05 -17.67
CA GLU A 422 -4.11 -21.00 -18.78
C GLU A 422 -5.42 -20.79 -19.51
N ASP A 423 -6.51 -20.53 -18.77
CA ASP A 423 -7.79 -20.26 -19.41
C ASP A 423 -7.66 -19.04 -20.32
N MET A 424 -6.92 -18.04 -19.86
CA MET A 424 -6.63 -16.87 -20.68
C MET A 424 -5.78 -17.23 -21.88
N ALA A 425 -4.77 -18.09 -21.68
CA ALA A 425 -3.98 -18.50 -22.83
C ALA A 425 -4.86 -19.17 -23.87
N ALA A 426 -5.74 -20.06 -23.41
CA ALA A 426 -6.67 -20.68 -24.32
C ALA A 426 -7.58 -19.65 -24.96
N LEU A 427 -7.97 -18.59 -24.21
CA LEU A 427 -8.83 -17.57 -24.81
C LEU A 427 -8.11 -16.89 -25.95
N GLU A 428 -6.84 -16.57 -25.73
CA GLU A 428 -5.98 -15.96 -26.78
C GLU A 428 -5.93 -16.89 -27.98
N LYS A 429 -5.71 -18.18 -27.76
CA LYS A 429 -5.72 -19.14 -28.87
C LYS A 429 -7.08 -19.17 -29.54
N ASP A 430 -8.15 -19.13 -28.76
CA ASP A 430 -9.47 -19.12 -29.38
C ASP A 430 -9.55 -18.00 -30.41
N TYR A 431 -8.94 -16.84 -30.11
CA TYR A 431 -9.01 -15.72 -31.07
C TYR A 431 -8.05 -15.91 -32.24
N GLU A 432 -6.86 -16.48 -32.02
CA GLU A 432 -5.99 -16.76 -33.16
C GLU A 432 -6.63 -17.77 -34.10
N GLU A 433 -7.14 -18.88 -33.54
CA GLU A 433 -7.79 -19.91 -34.34
C GLU A 433 -8.91 -19.37 -35.20
N VAL A 434 -9.72 -18.48 -34.67
CA VAL A 434 -10.86 -17.89 -35.44
C VAL A 434 -10.26 -16.91 -36.44
N GLY A 435 -9.12 -16.31 -36.10
CA GLY A 435 -8.38 -15.38 -36.97
C GLY A 435 -8.41 -13.96 -36.47
N MET B 1 -13.74 -0.46 7.18
CA MET B 1 -12.33 -0.15 7.52
C MET B 1 -12.24 1.33 7.93
N ARG B 2 -12.11 1.61 9.21
CA ARG B 2 -12.10 3.00 9.71
C ARG B 2 -11.17 3.22 10.91
N GLU B 3 -11.45 2.65 12.06
CA GLU B 3 -10.69 3.00 13.29
C GLU B 3 -9.30 2.37 13.33
N ILE B 4 -8.30 3.15 13.70
CA ILE B 4 -6.94 2.62 13.93
C ILE B 4 -6.70 2.72 15.43
N VAL B 5 -6.30 1.62 16.07
CA VAL B 5 -5.89 1.67 17.46
C VAL B 5 -4.38 1.88 17.48
N HIS B 6 -3.99 3.00 18.08
CA HIS B 6 -2.60 3.41 18.15
C HIS B 6 -2.03 3.03 19.51
N ILE B 7 -0.82 2.48 19.46
CA ILE B 7 -0.12 2.04 20.66
C ILE B 7 1.28 2.60 20.60
N GLN B 8 1.73 3.09 21.72
CA GLN B 8 3.05 3.66 21.78
C GLN B 8 3.74 3.06 23.00
N ALA B 9 4.93 2.53 22.79
CA ALA B 9 5.58 1.73 23.81
C ALA B 9 6.99 2.24 23.97
N GLY B 10 7.40 2.38 25.22
CA GLY B 10 8.76 2.74 25.54
C GLY B 10 8.98 4.22 25.38
N GLN B 11 10.20 4.61 25.70
CA GLN B 11 10.56 6.04 25.74
C GLN B 11 10.50 6.61 24.33
N CYS B 12 11.20 6.03 23.38
CA CYS B 12 11.13 6.49 21.97
C CYS B 12 9.69 6.40 21.52
N GLY B 13 9.03 5.27 21.75
CA GLY B 13 7.68 5.08 21.24
C GLY B 13 6.71 6.13 21.74
N ASN B 14 6.74 6.40 23.04
CA ASN B 14 5.87 7.42 23.60
C ASN B 14 6.28 8.79 23.15
N GLN B 15 7.58 8.98 22.98
CA GLN B 15 8.01 10.31 22.66
C GLN B 15 7.66 10.68 21.23
N ILE B 16 7.84 9.76 20.26
CA ILE B 16 7.42 10.14 18.92
C ILE B 16 5.90 10.02 18.77
N GLY B 17 5.29 9.11 19.53
CA GLY B 17 3.83 8.99 19.54
C GLY B 17 3.16 10.28 20.00
N ALA B 18 3.64 10.84 21.11
CA ALA B 18 3.11 12.12 21.57
C ALA B 18 3.27 13.16 20.47
N LYS B 19 4.43 13.20 19.83
CA LYS B 19 4.67 14.16 18.75
C LYS B 19 3.70 13.95 17.61
N PHE B 20 3.35 12.69 17.35
CA PHE B 20 2.44 12.40 16.26
C PHE B 20 1.06 12.99 16.56
N TRP B 21 0.55 12.70 17.75
CA TRP B 21 -0.77 13.17 18.17
C TRP B 21 -0.82 14.69 18.22
N GLU B 22 0.30 15.34 18.54
CA GLU B 22 0.32 16.80 18.47
C GLU B 22 0.14 17.25 17.04
N VAL B 23 0.98 16.74 16.16
CA VAL B 23 1.01 17.21 14.78
C VAL B 23 -0.31 16.94 14.09
N ILE B 24 -0.93 15.78 14.34
CA ILE B 24 -2.16 15.48 13.60
C ILE B 24 -3.40 16.09 14.26
N SER B 25 -3.44 16.17 15.61
CA SER B 25 -4.47 16.96 16.27
C SER B 25 -4.50 18.36 15.69
N ASP B 26 -3.38 19.06 15.78
CA ASP B 26 -3.26 20.34 15.13
C ASP B 26 -3.80 20.30 13.70
N GLU B 27 -3.47 19.28 12.94
CA GLU B 27 -3.87 19.24 11.52
C GLU B 27 -5.39 19.03 11.42
N HIS B 28 -6.03 18.48 12.44
CA HIS B 28 -7.45 18.18 12.42
C HIS B 28 -8.28 19.22 13.21
N GLY B 29 -7.71 20.35 13.59
CA GLY B 29 -8.40 21.32 14.40
C GLY B 29 -8.53 20.97 15.87
N ILE B 30 -8.10 19.79 16.31
CA ILE B 30 -8.22 19.46 17.74
C ILE B 30 -7.21 20.26 18.57
N ASP B 31 -7.60 20.59 19.78
CA ASP B 31 -6.76 21.33 20.71
C ASP B 31 -6.37 20.42 21.86
N PRO B 32 -5.43 20.87 22.73
CA PRO B 32 -4.98 20.00 23.85
C PRO B 32 -6.07 19.44 24.76
N THR B 33 -7.33 19.88 24.58
CA THR B 33 -8.43 19.44 25.45
C THR B 33 -9.46 18.58 24.72
N GLY B 34 -9.39 18.51 23.40
CA GLY B 34 -10.27 17.65 22.64
C GLY B 34 -11.27 18.41 21.80
N SER B 35 -11.30 19.72 21.91
CA SER B 35 -12.31 20.54 21.22
C SER B 35 -11.85 20.89 19.81
N TYR B 36 -12.71 20.68 18.81
CA TYR B 36 -12.39 20.92 17.38
C TYR B 36 -12.55 22.41 17.04
N HIS B 37 -11.47 23.07 16.62
CA HIS B 37 -11.48 24.50 16.25
C HIS B 37 -11.13 24.62 14.78
N GLY B 38 -11.43 23.59 14.00
CA GLY B 38 -11.05 23.57 12.59
C GLY B 38 -11.91 24.49 11.75
N ASP B 39 -11.35 25.07 10.68
CA ASP B 39 -12.07 26.07 9.82
C ASP B 39 -12.63 25.39 8.57
N SER B 40 -12.30 24.10 8.40
CA SER B 40 -12.68 23.29 7.21
C SER B 40 -13.19 21.93 7.66
N ASP B 41 -14.21 21.39 6.99
CA ASP B 41 -14.86 20.11 7.40
C ASP B 41 -14.05 18.92 6.91
N LEU B 42 -13.12 19.13 5.97
CA LEU B 42 -12.32 18.05 5.36
C LEU B 42 -11.17 18.68 4.59
N GLN B 43 -11.44 18.45 8.01
CA GLN B 43 -10.57 18.08 9.14
C GLN B 43 -11.29 17.09 10.05
N LEU B 44 -12.53 16.71 9.73
CA LEU B 44 -13.34 15.83 10.63
C LEU B 44 -14.00 14.67 9.88
N GLU B 45 -14.08 14.68 8.56
CA GLU B 45 -14.75 13.60 7.83
C GLU B 45 -14.18 12.25 8.20
N ARG B 46 -12.84 12.15 8.25
CA ARG B 46 -12.13 10.93 8.59
C ARG B 46 -11.54 10.96 9.99
N ILE B 47 -12.02 11.85 10.87
CA ILE B 47 -11.41 12.02 12.22
C ILE B 47 -11.54 10.73 13.01
N ASN B 48 -12.58 9.96 12.76
CA ASN B 48 -12.87 8.74 13.54
C ASN B 48 -11.73 7.72 13.40
N VAL B 49 -10.87 7.88 12.41
CA VAL B 49 -9.77 6.90 12.16
C VAL B 49 -8.83 6.94 13.37
N TYR B 50 -8.50 8.10 13.90
CA TYR B 50 -7.53 8.19 15.01
C TYR B 50 -8.16 8.75 16.28
N TYR B 51 -9.47 8.98 16.33
CA TYR B 51 -10.08 9.63 17.51
C TYR B 51 -11.44 9.06 17.88
N ASN B 52 -11.66 8.84 19.16
CA ASN B 52 -12.97 8.44 19.70
C ASN B 52 -13.71 9.74 20.01
N GLU B 53 -14.93 9.94 19.49
CA GLU B 53 -15.75 11.13 19.82
C GLU B 53 -16.38 10.89 21.19
N ALA B 54 -15.81 11.46 22.25
CA ALA B 54 -16.30 11.35 23.63
C ALA B 54 -17.47 12.32 23.86
N THR B 55 -17.58 12.90 25.06
CA THR B 55 -18.71 13.80 25.43
C THR B 55 -18.30 15.27 25.30
N GLY B 56 -19.17 16.10 24.73
CA GLY B 56 -18.90 17.54 24.57
C GLY B 56 -18.29 17.82 23.22
N ASN B 57 -18.61 17.01 22.22
CA ASN B 57 -17.96 17.12 20.89
C ASN B 57 -16.47 16.98 21.18
N LYS B 58 -16.13 16.19 22.19
CA LYS B 58 -14.71 15.96 22.58
C LYS B 58 -14.14 14.89 21.66
N TYR B 59 -12.89 15.01 21.24
CA TYR B 59 -12.22 14.00 20.39
C TYR B 59 -11.02 13.49 21.18
N VAL B 60 -11.05 12.22 21.56
CA VAL B 60 -9.94 11.60 22.34
C VAL B 60 -9.12 10.67 21.46
N PRO B 61 -7.81 10.88 21.32
CA PRO B 61 -6.94 9.92 20.60
C PRO B 61 -7.22 8.48 20.94
N ARG B 62 -7.48 7.65 19.93
CA ARG B 62 -7.61 6.22 20.23
C ARG B 62 -6.21 5.64 20.50
N ALA B 63 -5.58 6.07 21.58
CA ALA B 63 -4.16 5.86 21.84
C ALA B 63 -3.97 5.13 23.15
N ILE B 64 -3.15 4.09 23.13
CA ILE B 64 -2.71 3.37 24.32
C ILE B 64 -1.24 3.70 24.53
N LEU B 65 -0.94 4.20 25.72
CA LEU B 65 0.45 4.58 26.08
C LEU B 65 0.98 3.51 27.02
N VAL B 66 2.10 2.90 26.68
CA VAL B 66 2.65 1.78 27.46
C VAL B 66 4.14 2.01 27.69
N ASP B 67 4.67 1.62 28.83
CA ASP B 67 6.11 1.72 29.12
C ASP B 67 6.37 1.03 30.45
N LEU B 68 7.44 0.27 30.57
CA LEU B 68 7.79 -0.42 31.82
C LEU B 68 8.38 0.63 32.77
N GLU B 69 8.76 1.79 32.25
CA GLU B 69 9.34 2.89 33.05
C GLU B 69 8.23 3.90 33.37
N PRO B 70 7.81 4.00 34.64
CA PRO B 70 6.79 4.99 35.02
C PRO B 70 7.14 6.39 34.59
N GLY B 71 8.42 6.70 34.52
CA GLY B 71 8.84 8.06 34.22
C GLY B 71 8.22 8.65 32.96
N THR B 72 8.10 7.85 31.90
CA THR B 72 7.69 8.50 30.65
C THR B 72 6.22 8.91 30.67
N MET B 73 5.39 8.19 31.44
CA MET B 73 4.00 8.62 31.64
C MET B 73 3.93 10.08 32.07
N ASP B 74 4.80 10.48 32.99
CA ASP B 74 4.81 11.86 33.44
C ASP B 74 5.24 12.80 32.32
N SER B 75 6.35 12.50 31.63
CA SER B 75 6.75 13.37 30.53
C SER B 75 5.68 13.42 29.44
N VAL B 76 4.99 12.30 29.20
CA VAL B 76 3.88 12.33 28.25
C VAL B 76 2.83 13.34 28.71
N ARG B 77 2.42 13.26 29.98
CA ARG B 77 1.36 14.14 30.54
C ARG B 77 1.82 15.59 30.55
N SER B 78 3.09 15.85 30.86
CA SER B 78 3.66 17.22 30.89
C SER B 78 3.59 17.80 29.49
N GLY B 79 3.34 16.94 28.50
CA GLY B 79 3.32 17.33 27.10
C GLY B 79 2.18 18.25 26.73
N PRO B 80 2.31 18.95 25.59
CA PRO B 80 1.26 19.83 25.08
C PRO B 80 -0.13 19.18 25.03
N PHE B 81 -0.25 18.09 24.30
CA PHE B 81 -1.51 17.33 24.24
C PHE B 81 -1.29 16.13 25.14
N GLY B 82 -0.86 16.34 26.38
CA GLY B 82 -0.59 15.26 27.32
C GLY B 82 -1.82 14.97 28.14
N GLN B 83 -2.74 15.93 28.16
CA GLN B 83 -4.01 15.78 28.92
C GLN B 83 -5.09 15.25 27.98
N ILE B 84 -4.83 15.17 26.68
CA ILE B 84 -5.81 14.69 25.68
C ILE B 84 -6.01 13.17 25.81
N PHE B 85 -5.03 12.42 26.33
CA PHE B 85 -5.13 10.95 26.33
C PHE B 85 -6.00 10.46 27.48
N ARG B 86 -6.86 9.47 27.20
CA ARG B 86 -7.62 8.75 28.22
C ARG B 86 -6.71 8.32 29.35
N PRO B 87 -6.90 8.85 30.56
CA PRO B 87 -6.11 8.37 31.70
C PRO B 87 -6.15 6.87 31.85
N ASP B 88 -7.26 6.20 31.52
CA ASP B 88 -7.35 4.74 31.59
C ASP B 88 -6.45 4.03 30.58
N ASN B 89 -5.90 4.76 29.62
CA ASN B 89 -5.11 4.18 28.55
C ASN B 89 -3.61 4.23 28.80
N PHE B 90 -3.18 4.78 29.94
CA PHE B 90 -1.76 4.81 30.34
C PHE B 90 -1.48 3.51 31.10
N VAL B 91 -0.72 2.58 30.52
CA VAL B 91 -0.38 1.26 31.13
C VAL B 91 1.12 1.28 31.39
N PHE B 92 1.55 1.60 32.61
CA PHE B 92 2.98 1.80 32.90
C PHE B 92 3.47 0.90 34.03
N GLY B 93 4.68 0.35 33.89
CA GLY B 93 5.29 -0.50 34.91
C GLY B 93 5.98 0.35 35.97
N GLN B 94 6.98 -0.21 36.64
CA GLN B 94 7.66 0.49 37.75
C GLN B 94 9.17 0.49 37.59
N SER B 95 9.76 -0.55 37.01
CA SER B 95 11.22 -0.72 36.94
C SER B 95 11.82 -0.25 35.62
N GLY B 96 11.22 -0.61 34.49
CA GLY B 96 11.84 -0.34 33.19
C GLY B 96 12.54 -1.59 32.73
N ALA B 97 13.12 -1.61 31.53
CA ALA B 97 13.75 -2.81 30.94
C ALA B 97 15.26 -2.67 30.81
N GLY B 98 15.80 -1.49 31.05
CA GLY B 98 17.24 -1.24 30.97
C GLY B 98 17.84 -1.62 29.63
N ASN B 99 17.20 -1.25 28.53
CA ASN B 99 17.69 -1.57 27.18
C ASN B 99 17.87 -3.05 26.97
N ASN B 100 17.20 -3.85 27.75
CA ASN B 100 17.34 -5.29 27.62
C ASN B 100 16.06 -5.78 26.98
N TRP B 101 16.17 -6.23 25.73
CA TRP B 101 15.02 -6.73 25.00
C TRP B 101 14.40 -7.91 25.73
N ALA B 102 15.24 -8.75 26.35
CA ALA B 102 14.71 -9.95 26.99
C ALA B 102 13.83 -9.60 28.19
N LYS B 103 14.16 -8.50 28.86
CA LYS B 103 13.29 -8.01 29.93
C LYS B 103 11.98 -7.52 29.36
N GLY B 104 12.03 -6.81 28.23
CA GLY B 104 10.81 -6.31 27.65
C GLY B 104 9.94 -7.44 27.16
N HIS B 105 10.56 -8.46 26.59
CA HIS B 105 9.84 -9.49 25.88
C HIS B 105 9.48 -10.68 26.75
N TYR B 106 10.29 -11.01 27.75
CA TYR B 106 10.14 -12.30 28.43
C TYR B 106 9.85 -12.20 29.92
N THR B 107 10.14 -11.09 30.56
CA THR B 107 9.99 -11.06 32.01
C THR B 107 9.17 -9.83 32.39
N GLU B 108 9.82 -8.72 32.73
CA GLU B 108 9.05 -7.54 33.08
C GLU B 108 7.93 -7.25 32.09
N GLY B 109 8.23 -7.26 30.79
CA GLY B 109 7.23 -6.87 29.82
C GLY B 109 6.12 -7.89 29.69
N ALA B 110 6.44 -9.18 29.89
CA ALA B 110 5.38 -10.19 29.85
C ALA B 110 4.44 -10.06 31.04
N GLU B 111 4.93 -9.51 32.16
CA GLU B 111 4.05 -9.19 33.28
C GLU B 111 2.97 -8.22 32.85
N LEU B 112 3.36 -7.14 32.18
CA LEU B 112 2.47 -6.04 31.92
C LEU B 112 1.63 -6.22 30.67
N VAL B 113 1.90 -7.25 29.86
CA VAL B 113 1.32 -7.24 28.53
C VAL B 113 -0.17 -7.47 28.61
N ASP B 114 -0.64 -8.24 29.61
CA ASP B 114 -2.07 -8.51 29.76
C ASP B 114 -2.83 -7.24 30.14
N SER B 115 -2.28 -6.43 31.04
CA SER B 115 -2.86 -5.13 31.32
C SER B 115 -3.06 -4.30 30.05
N VAL B 116 -2.07 -4.33 29.17
CA VAL B 116 -2.14 -3.55 27.89
C VAL B 116 -3.22 -4.17 27.02
N LEU B 117 -3.27 -5.50 26.89
CA LEU B 117 -4.26 -6.15 26.05
C LEU B 117 -5.68 -5.78 26.45
N ASP B 118 -5.98 -5.83 27.75
CA ASP B 118 -7.29 -5.41 28.25
C ASP B 118 -7.67 -4.05 27.69
N VAL B 119 -6.78 -3.07 27.79
CA VAL B 119 -7.09 -1.78 27.21
C VAL B 119 -7.28 -1.90 25.70
N VAL B 120 -6.40 -2.65 25.03
CA VAL B 120 -6.55 -2.81 23.58
C VAL B 120 -7.95 -3.34 23.27
N ARG B 121 -8.38 -4.38 24.01
CA ARG B 121 -9.74 -4.92 23.87
C ARG B 121 -10.79 -3.86 24.06
N LYS B 122 -10.73 -3.12 25.17
CA LYS B 122 -11.68 -2.04 25.38
C LYS B 122 -11.75 -1.13 24.16
N GLU B 123 -10.60 -0.58 23.76
CA GLU B 123 -10.58 0.36 22.65
C GLU B 123 -11.02 -0.30 21.35
N SER B 124 -10.72 -1.59 21.18
CA SER B 124 -11.11 -2.27 19.94
C SER B 124 -12.60 -2.55 19.91
N GLU B 125 -13.16 -3.00 21.04
CA GLU B 125 -14.58 -3.36 21.10
C GLU B 125 -15.50 -2.18 20.88
N SER B 126 -15.02 -0.94 21.10
CA SER B 126 -15.81 0.29 20.88
C SER B 126 -15.58 0.83 19.46
N CYS B 127 -15.14 -0.02 18.54
CA CYS B 127 -14.78 0.40 17.19
C CYS B 127 -15.84 -0.10 16.23
N ASP B 128 -16.39 0.82 15.44
CA ASP B 128 -17.36 0.42 14.42
C ASP B 128 -16.74 -0.57 13.45
N CYS B 129 -15.58 -0.23 12.90
CA CYS B 129 -14.94 -1.09 11.92
C CYS B 129 -13.41 -0.97 12.08
N LEU B 130 -12.85 -1.77 12.96
CA LEU B 130 -11.44 -1.66 13.27
C LEU B 130 -10.63 -2.06 12.04
N GLN B 131 -9.75 -1.18 11.56
CA GLN B 131 -8.89 -1.65 10.48
C GLN B 131 -7.58 -2.27 10.94
N GLY B 132 -7.09 -1.89 12.11
CA GLY B 132 -5.92 -2.55 12.65
C GLY B 132 -5.20 -1.61 13.57
N PHE B 133 -3.90 -1.85 13.69
CA PHE B 133 -3.11 -1.23 14.76
C PHE B 133 -1.88 -0.54 14.23
N GLN B 134 -1.52 0.50 14.95
CA GLN B 134 -0.33 1.29 14.67
C GLN B 134 0.44 1.36 15.97
N LEU B 135 1.67 0.89 15.95
CA LEU B 135 2.53 0.98 17.15
C LEU B 135 3.74 1.86 16.86
N THR B 136 4.09 2.71 17.80
CA THR B 136 5.29 3.56 17.70
C THR B 136 6.26 3.00 18.75
N HIS B 137 7.46 2.66 18.33
CA HIS B 137 8.46 2.10 19.26
C HIS B 137 9.85 2.18 18.64
N SER B 138 10.86 2.20 19.48
CA SER B 138 12.25 2.10 19.02
C SER B 138 12.56 0.61 18.97
N LEU B 139 13.51 0.22 18.15
CA LEU B 139 13.97 -1.14 18.20
C LEU B 139 15.19 -1.29 19.11
N GLY B 140 15.87 -0.19 19.42
CA GLY B 140 17.13 -0.32 20.13
C GLY B 140 17.04 -0.49 21.63
N GLY B 141 15.90 -0.17 22.22
CA GLY B 141 15.71 -0.27 23.65
C GLY B 141 15.17 -1.61 24.11
N GLY B 142 14.50 -1.59 25.26
CA GLY B 142 14.02 -2.85 25.78
C GLY B 142 12.51 -2.94 25.76
N THR B 143 11.86 -1.83 26.06
CA THR B 143 10.41 -1.85 26.14
C THR B 143 9.79 -1.78 24.76
N GLY B 144 10.07 -0.71 24.05
CA GLY B 144 9.55 -0.56 22.69
C GLY B 144 9.86 -1.78 21.83
N SER B 145 11.09 -2.31 21.93
CA SER B 145 11.47 -3.43 21.06
C SER B 145 11.01 -4.75 21.63
N GLY B 146 11.42 -5.06 22.88
CA GLY B 146 11.08 -6.32 23.49
C GLY B 146 9.59 -6.46 23.82
N MET B 147 9.06 -5.53 24.61
CA MET B 147 7.63 -5.57 24.88
C MET B 147 6.79 -5.23 23.67
N GLY B 148 7.23 -4.25 22.87
CA GLY B 148 6.49 -3.88 21.67
C GLY B 148 6.20 -5.07 20.80
N THR B 149 7.22 -5.88 20.52
CA THR B 149 7.05 -7.00 19.61
C THR B 149 6.23 -8.11 20.26
N LEU B 150 6.28 -8.18 21.59
CA LEU B 150 5.45 -9.14 22.35
C LEU B 150 4.01 -8.67 22.23
N LEU B 151 3.90 -7.33 21.90
CA LEU B 151 2.57 -6.71 22.06
C LEU B 151 1.83 -6.78 20.72
N ILE B 152 2.80 -6.87 19.84
CA ILE B 152 2.42 -7.07 18.41
C ILE B 152 1.99 -8.52 18.22
N SER B 153 2.76 -9.46 18.74
CA SER B 153 2.45 -10.86 18.64
C SER B 153 1.14 -11.17 19.34
N LYS B 154 0.91 -10.60 20.51
CA LYS B 154 -0.33 -10.90 21.23
C LYS B 154 -1.53 -10.30 20.51
N ILE B 155 -1.43 -9.04 20.10
CA ILE B 155 -2.51 -8.43 19.34
C ILE B 155 -2.80 -9.25 18.10
N ARG B 156 -1.74 -9.72 17.43
CA ARG B 156 -1.88 -10.50 16.21
C ARG B 156 -2.73 -11.74 16.44
N GLU B 157 -2.47 -12.47 17.53
CA GLU B 157 -3.23 -13.68 17.80
C GLU B 157 -4.71 -13.36 17.98
N GLU B 158 -5.02 -12.27 18.68
CA GLU B 158 -6.42 -12.00 19.01
C GLU B 158 -7.17 -11.32 17.87
N TYR B 159 -6.43 -10.62 17.01
CA TYR B 159 -6.98 -9.84 15.91
C TYR B 159 -6.23 -10.21 14.64
N PRO B 160 -6.29 -11.47 14.24
CA PRO B 160 -5.42 -11.91 13.15
C PRO B 160 -5.78 -11.30 11.82
N ASP B 161 -7.01 -10.87 11.64
CA ASP B 161 -7.42 -10.32 10.36
C ASP B 161 -7.31 -8.82 10.35
N ARG B 162 -6.62 -8.22 11.28
CA ARG B 162 -6.48 -6.78 11.22
C ARG B 162 -5.03 -6.43 10.88
N ILE B 163 -4.85 -5.23 10.34
CA ILE B 163 -3.54 -4.81 9.89
C ILE B 163 -2.73 -4.39 11.10
N MET B 164 -1.49 -4.88 11.16
CA MET B 164 -0.53 -4.50 12.17
C MET B 164 0.50 -3.62 11.48
N ASN B 165 0.57 -2.37 11.88
CA ASN B 165 1.49 -1.38 11.28
C ASN B 165 2.38 -0.83 12.39
N THR B 166 3.67 -0.72 12.16
CA THR B 166 4.58 -0.14 13.13
C THR B 166 5.34 1.00 12.49
N PHE B 167 5.70 1.95 13.34
CA PHE B 167 6.68 3.01 13.10
C PHE B 167 7.82 2.61 14.01
N SER B 168 8.88 2.04 13.41
CA SER B 168 9.92 1.36 14.17
C SER B 168 11.20 2.15 14.00
N VAL B 169 11.72 2.70 15.09
CA VAL B 169 12.88 3.58 15.02
C VAL B 169 14.12 2.70 15.12
N MET B 170 14.90 2.63 14.05
CA MET B 170 16.11 1.80 14.00
C MET B 170 17.23 2.52 14.75
N PRO B 171 18.04 1.80 15.54
CA PRO B 171 19.12 2.43 16.31
C PRO B 171 20.29 2.81 15.43
N SER B 172 21.04 3.78 15.93
CA SER B 172 22.22 4.22 15.28
C SER B 172 23.17 4.70 16.36
N PRO B 173 24.42 4.30 16.31
CA PRO B 173 25.40 4.79 17.29
C PRO B 173 25.61 6.27 17.20
N LYS B 174 25.24 6.89 16.10
CA LYS B 174 25.36 8.36 15.96
C LYS B 174 24.42 9.02 16.97
N VAL B 175 23.38 8.32 17.43
CA VAL B 175 22.41 8.91 18.32
C VAL B 175 22.45 8.28 19.68
N SER B 176 22.72 7.01 19.74
CA SER B 176 22.82 6.37 21.04
C SER B 176 23.95 5.38 20.91
N ASP B 177 25.12 5.72 21.45
CA ASP B 177 26.22 4.76 21.41
C ASP B 177 26.09 3.74 22.55
N THR B 178 24.95 3.01 22.58
CA THR B 178 24.68 1.89 23.54
C THR B 178 24.87 0.63 22.68
N VAL B 179 25.76 -0.26 23.08
CA VAL B 179 26.20 -1.29 22.16
C VAL B 179 25.28 -2.49 22.18
N VAL B 180 24.33 -2.55 23.09
CA VAL B 180 23.41 -3.68 22.98
C VAL B 180 22.28 -3.39 22.02
N GLU B 181 22.17 -2.16 21.51
CA GLU B 181 21.04 -1.87 20.65
C GLU B 181 20.98 -2.73 19.39
N PRO B 182 22.10 -3.16 18.80
CA PRO B 182 21.99 -4.05 17.63
C PRO B 182 21.33 -5.35 17.99
N TYR B 183 21.60 -5.84 19.20
CA TYR B 183 20.95 -7.05 19.66
C TYR B 183 19.47 -6.83 19.70
N ASN B 184 19.07 -5.78 20.42
CA ASN B 184 17.65 -5.49 20.58
C ASN B 184 16.98 -5.34 19.22
N ALA B 185 17.59 -4.59 18.32
CA ALA B 185 17.02 -4.38 16.98
C ALA B 185 16.90 -5.69 16.22
N THR B 186 17.96 -6.50 16.26
CA THR B 186 17.93 -7.73 15.49
C THR B 186 16.86 -8.67 16.00
N LEU B 187 16.75 -8.81 17.32
CA LEU B 187 15.70 -9.64 17.95
C LEU B 187 14.33 -9.08 17.56
N SER B 188 14.20 -7.77 17.49
CA SER B 188 12.93 -7.09 17.16
C SER B 188 12.62 -7.30 15.67
N VAL B 189 13.58 -7.15 14.79
CA VAL B 189 13.39 -7.29 13.33
C VAL B 189 12.89 -8.71 13.06
N HIS B 190 13.43 -9.69 13.75
CA HIS B 190 12.99 -11.06 13.58
C HIS B 190 11.52 -11.16 13.88
N GLN B 191 11.08 -10.44 14.91
CA GLN B 191 9.66 -10.41 15.30
C GLN B 191 8.87 -9.66 14.22
N LEU B 192 9.32 -8.47 13.83
CA LEU B 192 8.61 -7.66 12.84
C LEU B 192 8.48 -8.38 11.49
N VAL B 193 9.41 -9.25 11.12
CA VAL B 193 9.34 -9.87 9.77
C VAL B 193 8.08 -10.77 9.72
N GLU B 194 7.74 -11.37 10.84
CA GLU B 194 6.64 -12.35 10.89
C GLU B 194 5.31 -11.79 11.36
N ASN B 195 5.30 -10.73 12.18
CA ASN B 195 4.07 -10.32 12.87
C ASN B 195 3.49 -8.96 12.46
N THR B 196 4.13 -8.23 11.57
CA THR B 196 3.64 -6.91 11.15
C THR B 196 3.35 -6.99 9.65
N ASP B 197 2.32 -6.28 9.22
CA ASP B 197 2.06 -6.20 7.79
C ASP B 197 2.82 -5.07 7.16
N GLU B 198 3.10 -4.01 7.93
CA GLU B 198 3.74 -2.85 7.34
C GLU B 198 4.59 -2.24 8.43
N THR B 199 5.84 -2.00 8.15
CA THR B 199 6.69 -1.35 9.13
C THR B 199 7.36 -0.22 8.40
N TYR B 200 7.18 0.98 8.91
CA TYR B 200 7.96 2.12 8.48
C TYR B 200 9.27 2.08 9.23
N CYS B 201 10.35 1.93 8.49
CA CYS B 201 11.69 1.93 9.07
C CYS B 201 12.12 3.38 9.23
N ILE B 202 12.10 3.90 10.46
CA ILE B 202 12.56 5.25 10.74
C ILE B 202 13.93 5.12 11.39
N ASP B 203 14.93 5.60 10.71
CA ASP B 203 16.29 5.23 11.01
C ASP B 203 16.97 6.42 11.69
N ASN B 204 17.32 6.26 12.95
CA ASN B 204 18.05 7.33 13.63
C ASN B 204 19.33 7.71 12.91
N GLU B 205 19.97 6.76 12.23
CA GLU B 205 21.13 7.12 11.44
C GLU B 205 20.77 8.18 10.42
N ALA B 206 19.70 7.94 9.67
CA ALA B 206 19.23 8.89 8.67
C ALA B 206 18.81 10.18 9.34
N LEU B 207 18.03 10.08 10.43
CA LEU B 207 17.53 11.31 11.05
C LEU B 207 18.71 12.17 11.48
N TYR B 208 19.74 11.55 12.05
CA TYR B 208 20.92 12.30 12.48
C TYR B 208 21.62 12.93 11.28
N ASP B 209 21.84 12.14 10.24
CA ASP B 209 22.52 12.63 9.05
C ASP B 209 21.78 13.83 8.48
N ILE B 210 20.45 13.74 8.38
CA ILE B 210 19.67 14.85 7.83
C ILE B 210 19.89 16.09 8.67
N CYS B 211 19.76 15.94 9.98
CA CYS B 211 19.88 17.09 10.87
C CYS B 211 21.28 17.68 10.78
N PHE B 212 22.28 16.82 10.75
CA PHE B 212 23.65 17.25 10.85
C PHE B 212 24.18 17.71 9.50
N ARG B 213 24.04 16.90 8.47
CA ARG B 213 24.63 17.21 7.15
C ARG B 213 23.79 18.18 6.35
N THR B 214 22.47 18.09 6.41
CA THR B 214 21.57 18.87 5.59
C THR B 214 21.03 20.08 6.35
N LEU B 215 20.44 19.87 7.50
CA LEU B 215 19.92 20.98 8.28
C LEU B 215 21.01 21.72 9.02
N LYS B 216 22.25 21.29 8.94
CA LYS B 216 23.36 21.99 9.57
C LYS B 216 23.14 22.16 11.07
N LEU B 217 22.39 21.25 11.69
CA LEU B 217 22.24 21.21 13.16
C LEU B 217 23.48 20.46 13.64
N THR B 218 24.36 21.08 14.41
CA THR B 218 25.63 20.47 14.75
C THR B 218 25.51 19.50 15.92
N THR B 219 24.51 19.67 16.77
CA THR B 219 24.30 18.79 17.92
C THR B 219 22.83 18.39 17.97
N PRO B 220 22.40 17.58 17.00
CA PRO B 220 20.98 17.21 16.93
C PRO B 220 20.48 16.62 18.24
N THR B 221 19.31 17.07 18.65
CA THR B 221 18.64 16.53 19.81
C THR B 221 17.53 15.59 19.33
N TYR B 222 17.03 14.79 20.25
CA TYR B 222 15.84 14.01 19.93
C TYR B 222 14.74 14.89 19.40
N GLY B 223 14.61 16.10 19.93
CA GLY B 223 13.58 16.99 19.44
C GLY B 223 13.76 17.29 17.97
N ASP B 224 15.02 17.45 17.54
CA ASP B 224 15.29 17.68 16.13
C ASP B 224 14.99 16.44 15.34
N LEU B 225 15.42 15.28 15.84
CA LEU B 225 15.14 14.02 15.15
C LEU B 225 13.63 13.85 14.98
N ASN B 226 12.89 13.99 16.09
CA ASN B 226 11.45 13.78 16.18
C ASN B 226 10.66 14.76 15.35
N HIS B 227 11.21 15.92 15.05
CA HIS B 227 10.56 16.79 14.08
C HIS B 227 10.50 16.12 12.71
N LEU B 228 11.59 15.46 12.29
CA LEU B 228 11.54 14.69 11.06
C LEU B 228 10.54 13.52 11.14
N VAL B 229 10.55 12.80 12.26
CA VAL B 229 9.61 11.70 12.45
C VAL B 229 8.18 12.19 12.29
N SER B 230 7.78 13.15 13.12
CA SER B 230 6.38 13.58 13.15
C SER B 230 5.94 14.10 11.79
N ALA B 231 6.78 14.89 11.12
CA ALA B 231 6.49 15.24 9.74
C ALA B 231 6.29 13.99 8.91
N THR B 232 7.12 12.95 9.14
CA THR B 232 7.01 11.76 8.32
C THR B 232 5.72 11.04 8.65
N MET B 233 5.46 10.90 9.94
CA MET B 233 4.27 10.21 10.40
C MET B 233 3.00 10.90 9.93
N SER B 234 2.97 12.22 10.00
CA SER B 234 1.84 12.93 9.43
C SER B 234 1.75 12.66 7.95
N GLY B 235 2.86 12.81 7.23
CA GLY B 235 2.83 12.55 5.81
C GLY B 235 2.30 11.17 5.49
N VAL B 236 2.86 10.13 6.12
CA VAL B 236 2.50 8.80 5.65
C VAL B 236 1.08 8.48 6.02
N THR B 237 0.49 9.16 6.99
CA THR B 237 -0.89 8.84 7.37
C THR B 237 -1.90 9.82 6.78
N THR B 238 -1.46 10.81 6.01
CA THR B 238 -2.34 11.81 5.41
C THR B 238 -3.63 11.18 4.91
N CYS B 239 -3.48 10.16 4.10
CA CYS B 239 -4.59 9.58 3.40
C CYS B 239 -5.36 8.58 4.21
N LEU B 240 -4.92 8.24 5.43
CA LEU B 240 -5.81 7.61 6.38
C LEU B 240 -6.79 8.60 7.00
N ARG B 241 -6.41 9.88 7.10
CA ARG B 241 -7.16 10.89 7.89
C ARG B 241 -7.72 12.04 7.06
N PHE B 242 -7.64 12.01 5.75
CA PHE B 242 -8.22 13.08 4.91
C PHE B 242 -8.90 12.45 3.70
N PRO B 243 -10.15 12.82 3.37
CA PRO B 243 -10.88 12.17 2.28
C PRO B 243 -10.07 11.96 0.99
N GLY B 244 -9.84 13.01 0.19
CA GLY B 244 -9.09 12.92 -1.07
C GLY B 244 -9.76 12.01 -2.09
N GLN B 245 -9.20 11.91 -3.28
CA GLN B 245 -9.75 11.03 -4.36
C GLN B 245 -9.40 9.57 -4.06
N LEU B 246 -8.66 9.29 -3.00
CA LEU B 246 -8.35 7.90 -2.57
C LEU B 246 -9.13 7.58 -1.30
N ASN B 247 -9.72 6.40 -1.20
CA ASN B 247 -10.39 5.92 0.05
C ASN B 247 -9.38 5.02 0.75
N ALA B 248 -8.24 5.56 1.17
CA ALA B 248 -7.09 4.78 1.70
C ALA B 248 -7.31 4.13 3.06
N ASP B 249 -7.03 2.85 3.16
CA ASP B 249 -7.06 2.15 4.45
C ASP B 249 -5.73 1.41 4.54
N LEU B 250 -5.47 0.85 5.68
CA LEU B 250 -4.21 0.19 5.91
C LEU B 250 -4.13 -1.08 5.11
N ARG B 251 -5.27 -1.65 4.70
CA ARG B 251 -5.13 -2.94 4.05
C ARG B 251 -4.93 -2.75 2.57
N LYS B 252 -5.68 -1.86 1.93
CA LYS B 252 -5.39 -1.55 0.53
C LYS B 252 -3.97 -1.07 0.35
N LEU B 253 -3.43 -0.31 1.31
CA LEU B 253 -2.02 0.08 1.24
C LEU B 253 -1.11 -1.16 1.28
N ALA B 254 -1.35 -2.06 2.23
CA ALA B 254 -0.55 -3.27 2.31
C ALA B 254 -0.61 -4.08 1.04
N VAL B 255 -1.83 -4.28 0.49
CA VAL B 255 -1.99 -5.18 -0.64
C VAL B 255 -1.20 -4.67 -1.82
N ASN B 256 -1.16 -3.34 -1.97
CA ASN B 256 -0.50 -2.71 -3.13
C ASN B 256 0.99 -2.43 -2.88
N MET B 257 1.45 -2.50 -1.64
CA MET B 257 2.85 -2.13 -1.30
C MET B 257 3.69 -3.35 -0.92
N VAL B 258 3.08 -4.48 -0.60
CA VAL B 258 3.84 -5.62 -0.08
C VAL B 258 3.72 -6.78 -1.04
N PRO B 259 4.65 -6.93 -2.00
CA PRO B 259 4.57 -8.04 -2.96
C PRO B 259 4.94 -9.36 -2.36
N PHE B 260 5.62 -9.36 -1.22
CA PHE B 260 6.08 -10.61 -0.65
C PHE B 260 5.95 -10.41 0.85
N PRO B 261 5.46 -11.40 1.59
CA PRO B 261 5.03 -11.12 2.96
C PRO B 261 6.14 -10.54 3.80
N ARG B 262 7.40 -10.93 3.59
CA ARG B 262 8.43 -10.46 4.52
C ARG B 262 8.94 -9.08 4.12
N LEU B 263 8.78 -8.69 2.87
CA LEU B 263 9.32 -7.41 2.41
C LEU B 263 8.27 -6.32 2.64
N HIS B 264 8.11 -6.00 3.91
CA HIS B 264 7.07 -5.04 4.33
C HIS B 264 7.73 -3.91 5.11
N PHE B 265 9.02 -3.72 4.97
CA PHE B 265 9.78 -2.63 5.62
C PHE B 265 9.85 -1.48 4.62
N PHE B 266 9.23 -0.36 4.95
CA PHE B 266 9.15 0.74 4.00
C PHE B 266 10.17 1.78 4.38
N MET B 267 10.72 2.41 3.40
CA MET B 267 11.62 3.51 3.63
C MET B 267 10.78 4.76 3.39
N PRO B 268 10.43 5.53 4.41
CA PRO B 268 9.70 6.77 4.14
C PRO B 268 10.68 7.88 3.81
N GLY B 269 10.20 8.83 3.03
CA GLY B 269 11.00 9.98 2.67
C GLY B 269 10.05 11.15 2.64
N PHE B 270 10.60 12.33 2.90
CA PHE B 270 9.77 13.55 3.02
C PHE B 270 10.47 14.76 2.40
N ALA B 271 9.68 15.62 1.77
CA ALA B 271 10.19 16.87 1.20
C ALA B 271 9.05 17.89 1.36
N PRO B 272 9.28 19.04 2.00
CA PRO B 272 10.61 19.60 2.19
C PRO B 272 11.20 19.23 3.55
N LEU B 273 12.52 19.21 3.64
CA LEU B 273 13.19 18.96 4.94
C LEU B 273 13.36 20.28 5.66
N THR B 274 12.97 20.33 6.93
CA THR B 274 12.96 21.59 7.69
C THR B 274 13.44 21.31 9.10
N SER B 275 14.02 22.30 9.74
CA SER B 275 14.42 22.21 11.15
C SER B 275 13.26 22.80 11.95
N ARG B 276 13.28 22.66 13.26
CA ARG B 276 12.25 23.28 14.12
C ARG B 276 12.43 24.80 14.03
N GLY B 277 11.36 25.54 13.78
CA GLY B 277 11.40 27.02 13.69
C GLY B 277 11.84 27.52 12.33
N SER B 278 12.83 26.90 11.71
CA SER B 278 13.38 27.30 10.38
C SER B 278 12.34 28.01 9.51
N GLN B 279 12.60 29.26 9.13
CA GLN B 279 11.72 30.04 8.22
C GLN B 279 12.04 29.63 6.80
N GLN B 280 11.81 28.36 6.46
CA GLN B 280 12.12 27.80 5.12
C GLN B 280 10.83 27.86 4.31
N TYR B 281 10.16 29.01 4.30
CA TYR B 281 8.84 29.15 3.60
C TYR B 281 8.97 29.40 2.09
N ARG B 282 10.17 29.23 1.52
CA ARG B 282 10.45 29.49 0.08
C ARG B 282 9.51 28.69 -0.82
N ALA B 283 8.81 27.68 -0.29
CA ALA B 283 7.89 26.83 -1.05
C ALA B 283 8.70 25.76 -1.76
N LEU B 284 8.17 25.15 -2.81
CA LEU B 284 8.92 24.15 -3.62
C LEU B 284 8.02 23.81 -4.80
N THR B 285 8.57 23.51 -5.97
CA THR B 285 7.75 23.29 -7.18
C THR B 285 7.38 21.81 -7.22
N VAL B 286 6.42 21.48 -7.89
CA VAL B 286 6.07 20.05 -8.03
C VAL B 286 7.35 19.34 -8.47
N PRO B 287 8.01 19.66 -9.61
CA PRO B 287 9.22 18.96 -10.05
C PRO B 287 10.27 18.90 -8.97
N GLU B 288 10.31 19.87 -8.05
CA GLU B 288 11.29 19.82 -6.97
C GLU B 288 10.89 18.82 -5.89
N LEU B 289 9.70 18.98 -5.31
CA LEU B 289 9.19 17.94 -4.44
C LEU B 289 9.41 16.56 -5.04
N THR B 290 9.00 16.38 -6.28
CA THR B 290 9.11 15.06 -6.89
C THR B 290 10.56 14.60 -6.93
N GLN B 291 11.48 15.50 -7.19
CA GLN B 291 12.87 15.01 -7.25
C GLN B 291 13.31 14.68 -5.83
N GLN B 292 13.24 15.65 -4.93
CA GLN B 292 13.72 15.55 -3.53
C GLN B 292 13.15 14.35 -2.79
N MET B 293 11.86 14.11 -2.90
CA MET B 293 11.20 12.99 -2.20
C MET B 293 11.88 11.71 -2.69
N PHE B 294 12.61 11.80 -3.80
CA PHE B 294 13.26 10.60 -4.39
C PHE B 294 14.77 10.62 -4.21
N ASP B 295 15.29 11.52 -3.36
CA ASP B 295 16.74 11.70 -3.09
C ASP B 295 17.11 11.06 -1.76
N SER B 296 18.25 10.37 -1.70
CA SER B 296 18.76 9.71 -0.47
C SER B 296 18.76 10.66 0.72
N LYS B 297 19.02 11.94 0.49
CA LYS B 297 19.10 12.96 1.57
C LYS B 297 17.73 13.19 2.21
N ASN B 298 16.66 12.79 1.53
CA ASN B 298 15.27 13.00 1.99
C ASN B 298 14.71 11.70 2.60
N MET B 299 15.46 10.61 2.58
CA MET B 299 14.98 9.30 3.08
C MET B 299 15.14 9.23 4.59
N MET B 300 14.15 8.72 5.30
CA MET B 300 14.24 8.53 6.75
C MET B 300 14.88 7.21 7.14
N ALA B 301 15.42 6.47 6.16
CA ALA B 301 16.24 5.29 6.40
C ALA B 301 17.54 5.50 5.65
N ALA B 302 18.65 5.18 6.30
CA ALA B 302 19.97 5.56 5.75
C ALA B 302 20.34 4.51 4.71
N CYS B 303 19.75 4.68 3.55
CA CYS B 303 19.75 3.79 2.41
C CYS B 303 19.83 4.69 1.21
N ASP B 304 20.57 4.26 0.23
CA ASP B 304 20.57 4.99 -1.01
C ASP B 304 19.62 4.27 -1.95
N PRO B 305 18.43 4.82 -2.21
CA PRO B 305 17.50 4.15 -3.14
C PRO B 305 18.13 3.82 -4.47
N ARG B 306 19.12 4.62 -4.89
CA ARG B 306 19.83 4.36 -6.14
C ARG B 306 20.76 3.17 -6.02
N HIS B 307 20.86 2.54 -4.86
CA HIS B 307 21.57 1.27 -4.72
C HIS B 307 20.65 0.09 -4.80
N GLY B 308 19.36 0.33 -4.94
CA GLY B 308 18.51 -0.82 -5.07
C GLY B 308 17.44 -0.49 -6.07
N ARG B 309 16.37 -1.28 -6.06
CA ARG B 309 15.25 -1.03 -6.94
C ARG B 309 13.98 -0.87 -6.13
N TYR B 310 13.10 0.01 -6.58
CA TYR B 310 11.80 0.24 -5.93
C TYR B 310 10.83 -0.84 -6.37
N LEU B 311 10.46 -1.74 -5.48
CA LEU B 311 9.38 -2.67 -5.77
C LEU B 311 8.05 -1.93 -5.98
N THR B 312 7.71 -1.05 -5.04
CA THR B 312 6.47 -0.29 -5.01
C THR B 312 6.81 1.02 -4.34
N VAL B 313 6.10 2.05 -4.74
CA VAL B 313 6.23 3.38 -4.16
C VAL B 313 4.84 3.97 -4.07
N ALA B 314 4.52 4.58 -2.95
CA ALA B 314 3.33 5.41 -2.82
C ALA B 314 3.82 6.78 -2.41
N ALA B 315 3.31 7.83 -3.06
CA ALA B 315 3.72 9.20 -2.78
C ALA B 315 2.49 10.02 -2.51
N ILE B 316 2.53 10.81 -1.46
CA ILE B 316 1.39 11.69 -1.09
C ILE B 316 1.83 13.13 -1.20
N PHE B 317 1.43 13.78 -2.27
CA PHE B 317 1.64 15.21 -2.37
C PHE B 317 0.55 15.94 -1.59
N ARG B 318 0.96 16.95 -0.86
CA ARG B 318 0.03 17.65 0.00
C ARG B 318 0.11 19.13 -0.32
N GLY B 319 -1.04 19.75 -0.50
CA GLY B 319 -1.16 21.16 -0.79
C GLY B 319 -1.90 21.41 -2.09
N ARG B 320 -1.87 22.68 -2.52
CA ARG B 320 -2.52 23.09 -3.76
C ARG B 320 -1.56 22.86 -4.92
N MET B 321 -1.99 22.04 -5.88
CA MET B 321 -1.13 21.80 -7.03
C MET B 321 -1.88 20.93 -8.03
N SER B 322 -1.53 21.11 -9.30
CA SER B 322 -2.21 20.42 -10.40
C SER B 322 -1.95 18.92 -10.30
N MET B 323 -2.98 18.16 -9.94
CA MET B 323 -2.83 16.71 -10.00
C MET B 323 -2.32 16.28 -11.36
N LYS B 324 -2.54 17.10 -12.37
CA LYS B 324 -2.03 16.83 -13.73
C LYS B 324 -0.51 17.03 -13.70
N GLU B 325 -0.01 18.03 -12.97
CA GLU B 325 1.45 18.28 -12.89
C GLU B 325 2.09 17.06 -12.20
N VAL B 326 1.62 16.75 -11.00
CA VAL B 326 2.11 15.58 -10.21
C VAL B 326 2.05 14.34 -11.09
N ASP B 327 0.96 14.09 -11.79
CA ASP B 327 0.84 12.99 -12.78
C ASP B 327 2.01 13.07 -13.77
N GLU B 328 2.30 14.28 -14.29
CA GLU B 328 3.36 14.40 -15.29
C GLU B 328 4.72 14.28 -14.65
N GLN B 329 4.94 14.99 -13.55
CA GLN B 329 6.25 14.94 -12.89
C GLN B 329 6.55 13.53 -12.41
N MET B 330 5.54 12.84 -11.90
CA MET B 330 5.78 11.49 -11.36
C MET B 330 6.14 10.57 -12.51
N LEU B 331 5.45 10.68 -13.64
CA LEU B 331 5.81 9.88 -14.84
C LEU B 331 7.25 10.26 -15.19
N ASN B 332 7.57 11.54 -15.10
CA ASN B 332 8.90 12.04 -15.48
C ASN B 332 9.96 11.28 -14.68
N VAL B 333 9.85 11.30 -13.34
CA VAL B 333 10.85 10.64 -12.46
C VAL B 333 10.91 9.16 -12.82
N GLN B 334 9.78 8.53 -13.12
CA GLN B 334 9.74 7.07 -13.38
C GLN B 334 10.52 6.72 -14.64
N ASN B 335 10.53 7.58 -15.67
CA ASN B 335 11.17 7.26 -16.98
C ASN B 335 12.63 7.72 -16.97
N LYS B 336 12.96 8.84 -16.35
CA LYS B 336 14.35 9.24 -16.15
C LYS B 336 15.08 8.30 -15.20
N ASN B 337 14.37 7.70 -14.25
CA ASN B 337 14.98 6.83 -13.22
C ASN B 337 14.45 5.42 -13.42
N SER B 338 14.19 5.03 -14.66
CA SER B 338 13.57 3.71 -14.94
C SER B 338 14.32 2.52 -14.34
N SER B 339 15.64 2.63 -14.23
CA SER B 339 16.36 1.44 -13.79
C SER B 339 16.28 1.25 -12.29
N TYR B 340 15.66 2.17 -11.56
CA TYR B 340 15.53 2.06 -10.13
C TYR B 340 14.15 1.55 -9.71
N PHE B 341 13.35 1.09 -10.67
CA PHE B 341 12.05 0.48 -10.40
C PHE B 341 12.08 -0.90 -11.01
N VAL B 342 11.50 -1.86 -10.31
CA VAL B 342 11.42 -3.19 -10.91
C VAL B 342 10.45 -3.15 -12.08
N GLU B 343 10.77 -3.90 -13.13
CA GLU B 343 9.98 -3.92 -14.39
C GLU B 343 8.86 -4.96 -14.31
N TRP B 344 8.96 -5.91 -13.39
CA TRP B 344 7.96 -6.97 -13.27
C TRP B 344 6.85 -6.61 -12.28
N ILE B 345 6.78 -5.37 -11.83
CA ILE B 345 5.57 -4.94 -11.14
C ILE B 345 5.01 -3.75 -11.89
N PRO B 346 4.12 -3.95 -12.86
CA PRO B 346 3.68 -2.82 -13.67
C PRO B 346 2.98 -1.82 -12.79
N ASN B 347 3.10 -0.56 -13.18
CA ASN B 347 2.35 0.53 -12.47
CA ASN B 347 2.36 0.53 -12.47
C ASN B 347 2.53 0.45 -10.95
N ASN B 348 3.79 0.36 -10.54
CA ASN B 348 4.07 0.18 -9.12
C ASN B 348 4.31 1.50 -8.41
N VAL B 349 3.94 2.61 -9.01
CA VAL B 349 4.06 3.89 -8.34
C VAL B 349 2.65 4.46 -8.23
N LYS B 350 2.28 4.87 -7.03
CA LYS B 350 0.94 5.36 -6.81
C LYS B 350 1.04 6.74 -6.18
N THR B 351 0.26 7.67 -6.69
CA THR B 351 0.36 9.07 -6.26
C THR B 351 -0.99 9.56 -5.76
N ALA B 352 -0.98 10.27 -4.66
CA ALA B 352 -2.19 10.91 -4.18
C ALA B 352 -1.86 12.37 -3.95
N VAL B 353 -2.84 13.23 -4.20
CA VAL B 353 -2.75 14.61 -3.76
C VAL B 353 -3.73 14.79 -2.62
N CYS B 354 -3.36 15.66 -1.70
CA CYS B 354 -4.23 15.97 -0.60
C CYS B 354 -4.11 17.47 -0.33
N ASP B 355 -5.24 18.18 -0.46
CA ASP B 355 -5.24 19.68 -0.45
C ASP B 355 -4.68 20.23 0.85
N ILE B 356 -5.07 19.69 1.99
CA ILE B 356 -4.60 20.17 3.31
C ILE B 356 -3.11 19.90 3.43
N PRO B 357 -2.24 20.91 3.61
CA PRO B 357 -0.82 20.67 3.87
C PRO B 357 -0.50 20.54 5.36
N PRO B 358 0.75 20.16 5.73
CA PRO B 358 1.10 19.94 7.15
C PRO B 358 1.43 21.13 8.04
N GLY B 359 1.57 22.36 7.53
CA GLY B 359 2.19 23.44 8.31
C GLY B 359 3.26 24.13 7.47
N LEU B 360 3.39 23.63 6.25
CA LEU B 360 4.20 24.25 5.18
C LEU B 360 3.16 24.63 4.13
N LYS B 361 3.53 24.87 2.89
CA LYS B 361 2.57 25.16 1.78
C LYS B 361 2.49 23.93 0.89
N MET B 362 3.59 23.20 0.74
CA MET B 362 3.64 22.03 -0.11
C MET B 362 4.55 21.01 0.55
N SER B 363 4.08 19.79 0.71
CA SER B 363 4.96 18.68 1.04
C SER B 363 4.69 17.51 0.09
N ALA B 364 5.72 16.68 -0.07
CA ALA B 364 5.62 15.36 -0.69
C ALA B 364 6.03 14.36 0.38
N THR B 365 5.30 13.27 0.55
CA THR B 365 5.72 12.20 1.49
C THR B 365 5.87 10.92 0.66
N PHE B 366 7.00 10.27 0.73
CA PHE B 366 7.33 9.09 -0.06
C PHE B 366 7.24 7.84 0.82
N ILE B 367 6.65 6.77 0.32
CA ILE B 367 6.66 5.50 1.00
C ILE B 367 7.19 4.52 0.01
N GLY B 368 8.43 4.10 0.20
CA GLY B 368 9.10 3.21 -0.71
C GLY B 368 9.24 1.83 -0.11
N ASN B 369 8.85 0.82 -0.89
CA ASN B 369 9.27 -0.57 -0.65
C ASN B 369 10.43 -0.77 -1.63
N SER B 370 11.64 -0.51 -1.16
CA SER B 370 12.85 -0.48 -1.96
C SER B 370 13.78 -1.57 -1.45
N THR B 371 14.38 -2.30 -2.39
CA THR B 371 15.36 -3.29 -1.99
C THR B 371 16.57 -2.61 -1.34
N ALA B 372 16.72 -1.30 -1.50
CA ALA B 372 17.89 -0.67 -0.91
C ALA B 372 17.82 -0.70 0.60
N ILE B 373 16.67 -0.98 1.17
CA ILE B 373 16.60 -1.00 2.62
C ILE B 373 17.46 -2.12 3.19
N GLN B 374 17.91 -3.08 2.36
CA GLN B 374 18.87 -4.07 2.87
C GLN B 374 20.11 -3.40 3.42
N GLU B 375 20.44 -2.19 2.97
CA GLU B 375 21.58 -1.49 3.53
C GLU B 375 21.39 -1.23 5.01
N LEU B 376 20.19 -0.89 5.44
CA LEU B 376 19.90 -0.65 6.87
C LEU B 376 20.07 -1.96 7.63
N PHE B 377 19.46 -3.02 7.15
CA PHE B 377 19.49 -4.34 7.81
C PHE B 377 20.92 -4.85 7.85
N LYS B 378 21.71 -4.55 6.82
CA LYS B 378 23.11 -5.01 6.74
C LYS B 378 23.88 -4.23 7.80
N ARG B 379 23.57 -2.96 7.96
CA ARG B 379 24.32 -2.16 8.94
C ARG B 379 24.11 -2.75 10.31
N ILE B 380 22.85 -3.06 10.63
CA ILE B 380 22.53 -3.59 11.96
C ILE B 380 23.09 -4.99 12.09
N SER B 381 23.02 -5.78 11.04
CA SER B 381 23.49 -7.20 11.06
C SER B 381 24.98 -7.22 11.39
N GLU B 382 25.73 -6.28 10.85
CA GLU B 382 27.17 -6.25 11.02
C GLU B 382 27.53 -5.89 12.45
N GLN B 383 26.87 -4.90 13.02
CA GLN B 383 27.01 -4.58 14.45
C GLN B 383 26.55 -5.75 15.30
N PHE B 384 25.40 -6.30 15.00
CA PHE B 384 24.97 -7.47 15.75
C PHE B 384 26.07 -8.50 15.77
N THR B 385 26.58 -8.83 14.58
CA THR B 385 27.58 -9.89 14.43
C THR B 385 28.87 -9.51 15.14
N ALA B 386 29.25 -8.24 15.11
CA ALA B 386 30.46 -7.85 15.82
C ALA B 386 30.33 -8.16 17.31
N MET B 387 29.20 -7.75 17.88
CA MET B 387 28.96 -7.99 19.30
C MET B 387 28.80 -9.47 19.58
N PHE B 388 27.94 -10.11 18.80
CA PHE B 388 27.58 -11.49 19.08
C PHE B 388 28.77 -12.42 18.94
N ARG B 389 29.67 -12.16 17.98
CA ARG B 389 30.83 -13.04 17.83
C ARG B 389 31.64 -13.10 19.13
N ARG B 390 31.75 -11.98 19.83
CA ARG B 390 32.45 -11.93 21.10
C ARG B 390 31.55 -12.25 22.28
N LYS B 391 30.26 -12.51 22.02
CA LYS B 391 29.26 -12.80 23.07
C LYS B 391 29.20 -11.72 24.10
N ALA B 392 29.38 -10.49 23.67
CA ALA B 392 29.42 -9.42 24.63
C ALA B 392 28.02 -9.22 25.21
N PHE B 393 27.93 -9.29 26.53
CA PHE B 393 26.71 -8.98 27.24
C PHE B 393 25.60 -9.99 26.99
N LEU B 394 25.90 -11.12 26.35
CA LEU B 394 24.89 -12.14 26.13
C LEU B 394 24.19 -12.57 27.41
N HIS B 395 24.93 -12.58 28.52
CA HIS B 395 24.43 -12.99 29.85
C HIS B 395 23.28 -12.10 30.31
N TRP B 396 23.28 -10.84 29.93
CA TRP B 396 22.15 -9.94 30.24
C TRP B 396 20.91 -10.57 29.63
N TYR B 397 21.04 -11.26 28.49
CA TYR B 397 19.84 -11.76 27.83
C TYR B 397 19.52 -13.16 28.28
N THR B 398 20.51 -14.03 28.33
CA THR B 398 20.27 -15.41 28.71
C THR B 398 19.84 -15.50 30.17
N GLY B 399 20.32 -14.57 30.99
CA GLY B 399 19.91 -14.52 32.39
C GLY B 399 18.48 -14.12 32.59
N GLU B 400 17.87 -13.50 31.58
CA GLU B 400 16.43 -13.29 31.60
C GLU B 400 15.67 -14.44 31.01
N GLY B 401 16.33 -15.53 30.69
CA GLY B 401 15.62 -16.66 30.18
C GLY B 401 15.75 -16.90 28.69
N MET B 402 16.27 -15.93 27.96
CA MET B 402 16.45 -16.07 26.50
C MET B 402 17.47 -17.17 26.23
N ASP B 403 17.30 -17.90 25.14
CA ASP B 403 18.27 -18.94 24.71
C ASP B 403 19.22 -18.26 23.73
N GLU B 404 20.49 -18.65 23.75
CA GLU B 404 21.48 -18.13 22.78
C GLU B 404 20.97 -18.41 21.37
N MET B 405 20.11 -19.42 21.19
CA MET B 405 19.71 -19.77 19.85
C MET B 405 18.74 -18.74 19.28
N GLU B 406 17.98 -18.07 20.14
CA GLU B 406 17.19 -16.95 19.65
C GLU B 406 18.05 -15.88 19.01
N PHE B 407 19.29 -15.70 19.46
CA PHE B 407 20.14 -14.71 18.80
C PHE B 407 20.54 -15.20 17.42
N THR B 408 20.99 -16.44 17.33
CA THR B 408 21.43 -16.90 16.03
C THR B 408 20.24 -16.97 15.07
N GLU B 409 19.05 -17.25 15.59
CA GLU B 409 17.88 -17.33 14.72
C GLU B 409 17.48 -15.94 14.21
N ALA B 410 17.44 -14.95 15.09
CA ALA B 410 17.25 -13.57 14.64
C ALA B 410 18.25 -13.19 13.54
N GLU B 411 19.55 -13.39 13.82
CA GLU B 411 20.59 -13.00 12.88
C GLU B 411 20.42 -13.70 11.55
N SER B 412 20.10 -14.99 11.60
CA SER B 412 19.86 -15.72 10.37
C SER B 412 18.64 -15.18 9.63
N ASN B 413 17.56 -14.89 10.37
CA ASN B 413 16.36 -14.37 9.73
C ASN B 413 16.65 -13.00 9.12
N MET B 414 17.49 -12.19 9.73
CA MET B 414 17.86 -10.87 9.18
C MET B 414 18.73 -11.06 7.95
N ASN B 415 19.64 -12.01 7.98
CA ASN B 415 20.53 -12.29 6.84
C ASN B 415 19.66 -12.82 5.71
N ASP B 416 18.69 -13.67 6.04
CA ASP B 416 17.76 -14.15 5.05
C ASP B 416 16.96 -13.00 4.46
N LEU B 417 16.54 -12.05 5.30
CA LEU B 417 15.78 -10.91 4.80
C LEU B 417 16.61 -10.12 3.80
N VAL B 418 17.89 -9.91 4.10
CA VAL B 418 18.78 -9.16 3.18
C VAL B 418 18.95 -9.92 1.87
N SER B 419 19.02 -11.25 1.95
CA SER B 419 19.16 -12.03 0.72
C SER B 419 17.91 -11.91 -0.12
N GLU B 420 16.74 -11.91 0.54
N GLU B 420 16.75 -11.89 0.54
CA GLU B 420 15.50 -11.76 -0.23
CA GLU B 420 15.50 -11.77 -0.21
C GLU B 420 15.48 -10.42 -0.95
C GLU B 420 15.44 -10.42 -0.93
N TYR B 421 15.80 -9.52 -0.39
CA TYR B 421 15.87 -8.15 -0.97
C TYR B 421 16.84 -8.16 -2.16
N GLN B 422 18.01 -8.75 -2.01
CA GLN B 422 19.01 -8.82 -3.10
C GLN B 422 18.43 -9.66 -4.24
N GLN B 423 17.70 -10.71 -3.90
CA GLN B 423 17.11 -11.64 -4.89
C GLN B 423 16.20 -10.82 -5.82
N TYR B 424 15.30 -10.02 -5.27
CA TYR B 424 14.34 -9.22 -6.09
C TYR B 424 15.06 -8.00 -6.66
N GLN B 425 16.14 -7.52 -6.04
CA GLN B 425 16.88 -6.44 -6.65
C GLN B 425 17.54 -6.89 -7.95
N ASP B 426 17.99 -8.13 -8.00
CA ASP B 426 18.65 -8.64 -9.19
C ASP B 426 17.70 -9.34 -10.16
N ALA B 427 16.50 -9.73 -9.74
CA ALA B 427 15.57 -10.37 -10.66
C ALA B 427 15.29 -9.44 -11.84
N THR B 428 15.06 -10.03 -12.99
CA THR B 428 14.64 -9.31 -14.18
C THR B 428 13.33 -9.87 -14.69
N ALA B 429 12.68 -9.17 -15.60
CA ALA B 429 11.41 -9.61 -16.22
C ALA B 429 11.65 -10.91 -16.99
N ASP B 430 12.61 -10.94 -17.91
CA ASP B 430 12.94 -12.17 -18.69
C ASP B 430 13.51 -13.23 -17.75
N ASP C 1 40.30 -21.12 44.93
CA ASP C 1 40.67 -20.57 43.63
C ASP C 1 40.37 -19.07 43.55
N LEU C 2 41.37 -18.26 43.90
CA LEU C 2 41.14 -16.84 43.83
C LEU C 2 41.06 -16.36 42.39
N GLY C 3 41.68 -17.08 41.45
CA GLY C 3 41.61 -16.67 40.07
C GLY C 3 40.18 -16.52 39.59
N LYS C 4 39.38 -17.54 39.85
CA LYS C 4 37.97 -17.46 39.49
C LYS C 4 37.29 -16.28 40.16
N LYS C 5 37.67 -15.95 41.40
CA LYS C 5 37.02 -14.84 42.08
C LYS C 5 37.48 -13.50 41.50
N LEU C 6 38.77 -13.40 41.17
CA LEU C 6 39.27 -12.19 40.53
C LEU C 6 38.52 -11.92 39.23
N LEU C 7 38.31 -12.96 38.43
CA LEU C 7 37.57 -12.81 37.19
C LEU C 7 36.20 -12.20 37.45
N GLU C 8 35.47 -12.76 38.41
CA GLU C 8 34.16 -12.21 38.73
C GLU C 8 34.29 -10.80 39.27
N ALA C 9 35.25 -10.56 40.18
CA ALA C 9 35.42 -9.21 40.70
C ALA C 9 35.78 -8.23 39.58
N ALA C 10 36.59 -8.68 38.62
CA ALA C 10 36.95 -7.81 37.51
C ALA C 10 35.71 -7.51 36.68
N ARG C 11 34.94 -8.54 36.35
CA ARG C 11 33.72 -8.36 35.58
C ARG C 11 32.77 -7.43 36.30
N ALA C 12 32.64 -7.62 37.61
CA ALA C 12 31.61 -6.95 38.35
C ALA C 12 32.02 -5.56 38.77
N GLY C 13 33.29 -5.19 38.58
CA GLY C 13 33.72 -3.85 38.95
C GLY C 13 33.95 -3.64 40.45
N GLN C 14 34.29 -4.69 41.17
CA GLN C 14 34.52 -4.59 42.63
C GLN C 14 36.01 -4.25 42.86
N ASP C 15 36.35 -2.97 42.87
CA ASP C 15 37.74 -2.56 42.97
C ASP C 15 38.39 -3.16 44.21
N ASP C 16 37.77 -2.96 45.36
CA ASP C 16 38.32 -3.42 46.66
C ASP C 16 38.55 -4.93 46.62
N GLU C 17 37.61 -5.70 46.09
CA GLU C 17 37.73 -7.17 46.00
C GLU C 17 38.87 -7.53 45.07
N VAL C 18 39.13 -6.74 44.02
CA VAL C 18 40.27 -7.00 43.15
C VAL C 18 41.57 -6.80 43.93
N ARG C 19 41.69 -5.65 44.60
CA ARG C 19 42.88 -5.34 45.39
C ARG C 19 43.16 -6.45 46.39
N ILE C 20 42.11 -6.94 47.05
CA ILE C 20 42.29 -7.96 48.07
C ILE C 20 42.78 -9.26 47.46
N LEU C 21 42.08 -9.74 46.42
CA LEU C 21 42.44 -11.01 45.82
C LEU C 21 43.88 -10.96 45.33
N MET C 22 44.27 -9.91 44.63
CA MET C 22 45.65 -9.78 44.15
C MET C 22 46.58 -9.94 45.34
N ALA C 23 46.23 -9.31 46.46
CA ALA C 23 47.10 -9.29 47.64
C ALA C 23 47.16 -10.65 48.28
N ASN C 24 46.19 -11.52 47.99
CA ASN C 24 46.24 -12.89 48.49
C ASN C 24 46.68 -13.90 47.45
N GLY C 25 47.39 -13.45 46.42
CA GLY C 25 48.02 -14.37 45.46
C GLY C 25 47.15 -14.77 44.28
N ALA C 26 45.99 -14.14 44.08
CA ALA C 26 45.11 -14.42 42.94
C ALA C 26 45.86 -14.21 41.63
N ASP C 27 45.70 -15.14 40.72
CA ASP C 27 46.32 -15.08 39.42
C ASP C 27 45.70 -13.93 38.64
N VAL C 28 46.43 -12.83 38.52
CA VAL C 28 45.96 -11.72 37.72
C VAL C 28 45.69 -12.16 36.29
N ASN C 29 46.40 -13.18 35.84
CA ASN C 29 46.28 -13.64 34.48
C ASN C 29 45.49 -14.92 34.41
N ALA C 30 44.62 -15.10 35.39
CA ALA C 30 43.71 -16.26 35.37
C ALA C 30 42.84 -16.15 34.12
N THR C 31 42.34 -17.28 33.64
CA THR C 31 41.48 -17.32 32.44
C THR C 31 40.20 -18.08 32.72
N ASP C 32 39.06 -17.56 32.25
CA ASP C 32 37.80 -18.31 32.29
C ASP C 32 37.91 -19.37 31.19
N ALA C 33 36.84 -20.09 30.90
CA ALA C 33 36.87 -21.20 29.92
C ALA C 33 37.07 -20.65 28.51
N SER C 34 36.67 -19.42 28.26
CA SER C 34 36.78 -18.76 26.95
C SER C 34 38.17 -18.16 26.79
N GLY C 35 39.04 -18.25 27.79
CA GLY C 35 40.38 -17.63 27.75
C GLY C 35 40.33 -16.15 28.11
N LEU C 36 39.22 -15.64 28.61
CA LEU C 36 39.14 -14.27 29.06
C LEU C 36 39.87 -14.10 30.40
N THR C 37 40.71 -13.08 30.48
CA THR C 37 41.39 -12.72 31.71
C THR C 37 40.61 -11.64 32.46
N PRO C 38 40.92 -11.43 33.73
CA PRO C 38 40.31 -10.29 34.43
C PRO C 38 40.41 -8.99 33.66
N LEU C 39 41.54 -8.76 32.98
CA LEU C 39 41.71 -7.53 32.23
C LEU C 39 40.76 -7.51 31.06
N HIS C 40 40.55 -8.65 30.41
CA HIS C 40 39.54 -8.69 29.33
C HIS C 40 38.19 -8.23 29.88
N LEU C 41 37.78 -8.83 30.99
CA LEU C 41 36.48 -8.56 31.58
C LEU C 41 36.34 -7.13 32.07
N ALA C 42 37.38 -6.59 32.68
CA ALA C 42 37.30 -5.24 33.16
C ALA C 42 37.22 -4.27 31.99
N ALA C 43 37.89 -4.63 30.90
CA ALA C 43 37.84 -3.80 29.75
C ALA C 43 36.50 -3.90 29.07
N THR C 44 35.87 -5.06 29.15
CA THR C 44 34.58 -5.21 28.49
C THR C 44 33.53 -4.41 29.24
N TYR C 45 33.51 -4.56 30.57
CA TYR C 45 32.43 -4.00 31.42
C TYR C 45 32.74 -2.56 31.82
N GLY C 46 33.84 -1.99 31.37
CA GLY C 46 34.00 -0.58 31.57
C GLY C 46 34.61 -0.20 32.88
N HIS C 47 35.28 -1.12 33.56
CA HIS C 47 35.86 -0.85 34.90
C HIS C 47 37.25 -0.27 34.72
N LEU C 48 37.33 1.04 34.48
CA LEU C 48 38.61 1.67 34.16
C LEU C 48 39.62 1.51 35.28
N GLU C 49 39.16 1.64 36.52
CA GLU C 49 40.09 1.58 37.66
C GLU C 49 40.62 0.17 37.83
N ILE C 50 39.80 -0.84 37.57
CA ILE C 50 40.28 -2.19 37.67
C ILE C 50 41.30 -2.46 36.57
N VAL C 51 41.00 -2.00 35.36
CA VAL C 51 41.96 -2.10 34.27
C VAL C 51 43.31 -1.53 34.70
N GLU C 52 43.31 -0.33 35.30
CA GLU C 52 44.60 0.29 35.64
C GLU C 52 45.33 -0.55 36.70
N VAL C 53 44.57 -1.08 37.64
CA VAL C 53 45.16 -1.81 38.74
C VAL C 53 45.71 -3.13 38.25
N LEU C 54 44.92 -3.87 37.45
CA LEU C 54 45.46 -5.09 36.86
C LEU C 54 46.74 -4.80 36.08
N LEU C 55 46.75 -3.72 35.35
CA LEU C 55 47.94 -3.45 34.59
C LEU C 55 49.14 -3.10 35.46
N LYS C 56 48.94 -2.59 36.68
CA LYS C 56 50.08 -2.34 37.57
C LYS C 56 50.49 -3.61 38.30
N HIS C 57 49.76 -4.67 38.05
CA HIS C 57 50.03 -5.95 38.72
C HIS C 57 50.24 -7.06 37.70
N GLY C 58 50.92 -6.79 36.59
CA GLY C 58 51.34 -7.94 35.83
C GLY C 58 50.32 -8.46 34.85
N ALA C 59 49.15 -7.79 34.70
CA ALA C 59 48.22 -8.20 33.65
C ALA C 59 48.92 -8.16 32.29
N ASP C 60 48.73 -9.21 31.49
CA ASP C 60 49.20 -9.18 30.10
C ASP C 60 48.21 -8.38 29.27
N VAL C 61 48.59 -7.15 28.93
CA VAL C 61 47.75 -6.22 28.21
C VAL C 61 47.36 -6.80 26.85
N ASN C 62 48.14 -7.74 26.34
CA ASN C 62 47.87 -8.33 25.03
C ASN C 62 47.41 -9.77 25.14
N ALA C 63 46.84 -10.16 26.26
CA ALA C 63 46.36 -11.54 26.37
C ALA C 63 45.25 -11.75 25.35
N ILE C 64 45.18 -12.92 24.73
CA ILE C 64 44.10 -13.21 23.81
C ILE C 64 43.25 -14.30 24.41
N ASP C 65 41.92 -14.23 24.20
CA ASP C 65 41.07 -15.34 24.57
C ASP C 65 41.10 -16.38 23.45
N ILE C 66 40.25 -17.39 23.48
CA ILE C 66 40.25 -18.51 22.49
C ILE C 66 39.96 -17.99 21.07
N MET C 67 39.33 -16.85 20.96
CA MET C 67 38.95 -16.27 19.65
C MET C 67 39.92 -15.13 19.30
N GLY C 68 41.07 -15.04 19.96
CA GLY C 68 42.01 -14.02 19.56
C GLY C 68 41.63 -12.63 20.02
N SER C 69 40.62 -12.48 20.85
CA SER C 69 40.35 -11.11 21.30
C SER C 69 41.33 -10.68 22.37
N THR C 70 41.92 -9.53 22.17
CA THR C 70 42.66 -8.86 23.20
C THR C 70 41.74 -7.94 23.99
N PRO C 71 42.19 -7.48 25.15
CA PRO C 71 41.37 -6.48 25.87
C PRO C 71 41.08 -5.25 25.04
N LEU C 72 42.01 -4.84 24.18
CA LEU C 72 41.79 -3.66 23.36
C LEU C 72 40.68 -3.90 22.35
N HIS C 73 40.66 -5.09 21.75
CA HIS C 73 39.53 -5.48 20.91
C HIS C 73 38.20 -5.23 21.63
N LEU C 74 38.05 -5.75 22.85
CA LEU C 74 36.78 -5.64 23.57
C LEU C 74 36.51 -4.20 23.97
N ALA C 75 37.53 -3.49 24.44
CA ALA C 75 37.32 -2.09 24.78
C ALA C 75 36.95 -1.28 23.54
N ALA C 76 37.54 -1.61 22.40
CA ALA C 76 37.16 -0.88 21.19
C ALA C 76 35.76 -1.28 20.72
N LEU C 77 35.44 -2.57 20.77
CA LEU C 77 34.09 -3.00 20.44
C LEU C 77 33.05 -2.30 21.30
N ILE C 78 33.26 -2.32 22.62
CA ILE C 78 32.25 -1.85 23.54
C ILE C 78 32.27 -0.35 23.63
N GLY C 79 33.38 0.28 23.31
CA GLY C 79 33.39 1.72 23.24
C GLY C 79 33.89 2.40 24.46
N HIS C 80 34.74 1.77 25.24
CA HIS C 80 35.25 2.50 26.41
C HIS C 80 36.51 3.24 26.00
N LEU C 81 36.35 4.52 25.67
CA LEU C 81 37.48 5.32 25.20
C LEU C 81 38.62 5.37 26.22
N GLU C 82 38.31 5.57 27.50
CA GLU C 82 39.39 5.76 28.46
C GLU C 82 40.18 4.47 28.65
N ILE C 83 39.50 3.33 28.62
CA ILE C 83 40.20 2.07 28.74
C ILE C 83 41.06 1.84 27.51
N VAL C 84 40.52 2.16 26.33
CA VAL C 84 41.32 2.10 25.10
C VAL C 84 42.61 2.86 25.28
N GLU C 85 42.52 4.08 25.83
CA GLU C 85 43.75 4.85 25.92
C GLU C 85 44.71 4.25 26.93
N VAL C 86 44.17 3.82 28.08
CA VAL C 86 44.98 3.23 29.13
C VAL C 86 45.65 1.96 28.61
N LEU C 87 44.89 1.15 27.87
CA LEU C 87 45.48 -0.06 27.27
C LEU C 87 46.61 0.28 26.30
N LEU C 88 46.39 1.29 25.44
CA LEU C 88 47.42 1.70 24.50
C LEU C 88 48.64 2.22 25.21
N LYS C 89 48.44 2.95 26.30
CA LYS C 89 49.57 3.52 27.03
C LYS C 89 50.39 2.44 27.71
N HIS C 90 49.80 1.28 28.01
CA HIS C 90 50.47 0.15 28.62
C HIS C 90 50.87 -0.91 27.60
N GLY C 91 50.90 -0.57 26.33
CA GLY C 91 51.52 -1.44 25.37
C GLY C 91 50.57 -2.30 24.57
N ALA C 92 49.26 -2.10 24.70
CA ALA C 92 48.33 -2.86 23.87
C ALA C 92 48.75 -2.75 22.41
N ASP C 93 48.69 -3.87 21.72
CA ASP C 93 49.04 -3.99 20.30
C ASP C 93 47.87 -3.40 19.51
N VAL C 94 48.03 -2.19 19.00
CA VAL C 94 46.91 -1.52 18.35
C VAL C 94 46.43 -2.29 17.12
N ASN C 95 47.25 -3.18 16.57
CA ASN C 95 46.92 -3.88 15.33
C ASN C 95 46.71 -5.36 15.59
N ALA C 96 46.34 -5.72 16.83
CA ALA C 96 46.14 -7.14 17.11
C ALA C 96 44.96 -7.62 16.27
N VAL C 97 45.07 -8.82 15.78
CA VAL C 97 44.10 -9.40 14.86
C VAL C 97 43.45 -10.56 15.58
N ASP C 98 42.12 -10.62 15.58
CA ASP C 98 41.47 -11.75 16.23
C ASP C 98 41.15 -12.80 15.18
N THR C 99 40.39 -13.84 15.57
CA THR C 99 40.05 -15.01 14.73
C THR C 99 39.12 -14.67 13.58
N TRP C 100 38.55 -13.49 13.55
CA TRP C 100 37.81 -13.00 12.39
C TRP C 100 38.64 -12.01 11.58
N GLY C 101 39.90 -11.85 11.91
CA GLY C 101 40.71 -10.90 11.18
C GLY C 101 40.43 -9.47 11.57
N ASP C 102 39.64 -9.29 12.61
CA ASP C 102 39.26 -7.94 13.08
C ASP C 102 40.38 -7.36 13.91
N THR C 103 40.69 -6.10 13.66
CA THR C 103 41.65 -5.33 14.46
C THR C 103 40.76 -4.49 15.36
N PRO C 104 41.30 -3.88 16.42
CA PRO C 104 40.44 -3.01 17.22
C PRO C 104 39.82 -1.88 16.39
N LEU C 105 40.54 -1.39 15.38
CA LEU C 105 40.04 -0.36 14.44
C LEU C 105 38.78 -0.86 13.76
N HIS C 106 38.81 -2.08 13.26
CA HIS C 106 37.64 -2.69 12.61
C HIS C 106 36.45 -2.64 13.56
N LEU C 107 36.62 -2.96 14.84
CA LEU C 107 35.50 -3.08 15.74
C LEU C 107 35.00 -1.73 16.13
N ALA C 108 35.92 -0.78 16.37
CA ALA C 108 35.49 0.57 16.70
C ALA C 108 34.72 1.18 15.53
N ALA C 109 35.16 0.87 14.31
CA ALA C 109 34.49 1.42 13.13
C ALA C 109 33.12 0.81 12.97
N ILE C 110 33.04 -0.52 13.05
CA ILE C 110 31.75 -1.14 12.89
C ILE C 110 30.75 -0.56 13.88
N MET C 111 31.20 -0.31 15.09
CA MET C 111 30.28 0.04 16.15
C MET C 111 30.07 1.52 16.18
N GLY C 112 30.71 2.26 15.29
CA GLY C 112 30.47 3.69 15.31
C GLY C 112 31.12 4.41 16.46
N HIS C 113 32.21 3.88 16.99
CA HIS C 113 32.86 4.59 18.09
C HIS C 113 33.90 5.53 17.49
N LEU C 114 33.46 6.71 17.07
CA LEU C 114 34.34 7.47 16.19
C LEU C 114 35.55 8.03 16.93
N GLU C 115 35.37 8.49 18.16
CA GLU C 115 36.49 8.97 18.96
C GLU C 115 37.53 7.86 19.16
N ILE C 116 37.07 6.65 19.44
CA ILE C 116 38.00 5.53 19.55
C ILE C 116 38.70 5.31 18.22
N VAL C 117 37.95 5.39 17.12
CA VAL C 117 38.59 5.27 15.82
C VAL C 117 39.77 6.24 15.73
N GLU C 118 39.52 7.51 16.06
CA GLU C 118 40.56 8.53 15.96
C GLU C 118 41.74 8.19 16.84
N VAL C 119 41.46 7.73 18.05
CA VAL C 119 42.54 7.41 18.96
C VAL C 119 43.34 6.27 18.40
N LEU C 120 42.66 5.25 17.88
CA LEU C 120 43.43 4.13 17.39
C LEU C 120 44.30 4.58 16.23
N LEU C 121 43.76 5.46 15.38
CA LEU C 121 44.53 5.93 14.24
C LEU C 121 45.75 6.68 14.70
N LYS C 122 45.60 7.58 15.68
CA LYS C 122 46.75 8.31 16.20
C LYS C 122 47.77 7.37 16.78
N HIS C 123 47.33 6.20 17.24
CA HIS C 123 48.24 5.21 17.87
C HIS C 123 48.75 4.22 16.82
N GLY C 124 48.53 4.44 15.53
CA GLY C 124 49.18 3.61 14.57
C GLY C 124 48.34 2.47 14.05
N ALA C 125 47.02 2.54 14.19
CA ALA C 125 46.16 1.49 13.64
C ALA C 125 46.36 1.38 12.15
N ASP C 126 46.37 0.16 11.65
CA ASP C 126 46.67 -0.07 10.26
C ASP C 126 45.36 0.03 9.48
N VAL C 127 45.15 1.13 8.74
CA VAL C 127 43.92 1.26 7.94
C VAL C 127 43.91 0.34 6.73
N ASN C 128 45.04 -0.28 6.41
CA ASN C 128 45.03 -1.33 5.39
C ASN C 128 44.76 -2.73 5.93
N ALA C 129 44.59 -2.92 7.25
CA ALA C 129 44.37 -4.27 7.75
C ALA C 129 43.03 -4.75 7.27
N GLN C 130 43.01 -5.92 6.68
CA GLN C 130 41.78 -6.51 6.13
C GLN C 130 41.26 -7.56 7.10
N ASP C 131 39.94 -7.64 7.29
CA ASP C 131 39.42 -8.74 8.09
C ASP C 131 39.41 -9.96 7.19
N LYS C 132 38.82 -11.08 7.68
CA LYS C 132 38.89 -12.34 6.95
C LYS C 132 38.13 -12.28 5.63
N PHE C 133 37.28 -11.26 5.47
CA PHE C 133 36.54 -11.06 4.25
C PHE C 133 37.15 -10.00 3.38
N GLY C 134 38.36 -9.58 3.70
CA GLY C 134 39.03 -8.56 2.93
C GLY C 134 38.68 -7.13 3.27
N LYS C 135 37.81 -6.87 4.24
CA LYS C 135 37.41 -5.49 4.51
C LYS C 135 38.43 -4.80 5.39
N THR C 136 38.88 -3.60 4.99
CA THR C 136 39.56 -2.74 5.93
C THR C 136 38.51 -1.89 6.62
N ALA C 137 38.91 -1.19 7.70
CA ALA C 137 37.96 -0.29 8.33
C ALA C 137 37.40 0.71 7.34
N PHE C 138 38.20 1.11 6.35
CA PHE C 138 37.69 2.05 5.36
C PHE C 138 36.61 1.41 4.49
N ASP C 139 36.83 0.17 4.06
CA ASP C 139 35.79 -0.54 3.35
C ASP C 139 34.50 -0.57 4.13
N ILE C 140 34.59 -0.85 5.45
CA ILE C 140 33.38 -0.88 6.27
C ILE C 140 32.68 0.46 6.22
N SER C 141 33.45 1.53 6.26
CA SER C 141 32.86 2.85 6.25
C SER C 141 32.16 3.11 4.92
N ILE C 142 32.75 2.64 3.82
CA ILE C 142 32.20 2.88 2.49
C ILE C 142 30.98 2.00 2.27
N ASP C 143 31.11 0.72 2.63
CA ASP C 143 29.99 -0.20 2.50
C ASP C 143 28.77 0.25 3.29
N ASN C 144 28.97 0.84 4.45
CA ASN C 144 27.85 1.19 5.33
CA ASN C 144 27.77 1.16 5.24
C ASN C 144 27.39 2.63 5.15
N GLY C 145 28.00 3.35 4.21
CA GLY C 145 27.70 4.76 4.01
C GLY C 145 27.90 5.57 5.26
N ASN C 146 28.93 5.24 6.04
CA ASN C 146 29.21 6.03 7.22
C ASN C 146 30.18 7.13 6.80
N GLU C 147 29.66 8.29 6.34
CA GLU C 147 30.55 9.35 5.87
C GLU C 147 31.37 9.96 6.99
N ASP C 148 30.84 10.01 8.20
CA ASP C 148 31.58 10.52 9.37
C ASP C 148 32.83 9.66 9.56
N LEU C 149 32.66 8.36 9.57
CA LEU C 149 33.79 7.46 9.75
C LEU C 149 34.74 7.61 8.58
N ALA C 150 34.20 7.65 7.37
CA ALA C 150 35.06 7.65 6.20
C ALA C 150 35.90 8.93 6.16
N GLU C 151 35.38 10.04 6.68
CA GLU C 151 36.16 11.28 6.78
C GLU C 151 37.27 11.10 7.78
N ILE C 152 36.95 10.59 8.96
CA ILE C 152 37.99 10.29 9.94
C ILE C 152 39.07 9.42 9.32
N LEU C 153 38.68 8.39 8.58
CA LEU C 153 39.69 7.43 8.12
C LEU C 153 40.55 8.01 7.01
N GLN C 154 40.04 8.98 6.27
CA GLN C 154 40.81 9.68 5.21
C GLN C 154 41.64 10.76 5.90
N LYS C 155 41.47 10.93 7.21
CA LYS C 155 42.25 11.88 8.03
C LYS C 155 41.97 13.30 7.56
#